data_1HIG
# 
_entry.id   1HIG 
# 
_audit_conform.dict_name       mmcif_pdbx.dic 
_audit_conform.dict_version    5.386 
_audit_conform.dict_location   http://mmcif.pdb.org/dictionaries/ascii/mmcif_pdbx.dic 
# 
loop_
_database_2.database_id 
_database_2.database_code 
_database_2.pdbx_database_accession 
_database_2.pdbx_DOI 
PDB   1HIG         pdb_00001hig 10.2210/pdb1hig/pdb 
WWPDB D_1000173863 ?            ?                   
# 
loop_
_pdbx_audit_revision_history.ordinal 
_pdbx_audit_revision_history.data_content_type 
_pdbx_audit_revision_history.major_revision 
_pdbx_audit_revision_history.minor_revision 
_pdbx_audit_revision_history.revision_date 
1 'Structure model' 1 0 1992-04-15 
2 'Structure model' 1 1 2008-03-24 
3 'Structure model' 1 2 2011-07-13 
4 'Structure model' 1 3 2024-02-07 
# 
_pdbx_audit_revision_details.ordinal             1 
_pdbx_audit_revision_details.revision_ordinal    1 
_pdbx_audit_revision_details.data_content_type   'Structure model' 
_pdbx_audit_revision_details.provider            repository 
_pdbx_audit_revision_details.type                'Initial release' 
_pdbx_audit_revision_details.description         ? 
_pdbx_audit_revision_details.details             ? 
# 
loop_
_pdbx_audit_revision_group.ordinal 
_pdbx_audit_revision_group.revision_ordinal 
_pdbx_audit_revision_group.data_content_type 
_pdbx_audit_revision_group.group 
1 2 'Structure model' 'Version format compliance' 
2 3 'Structure model' 'Version format compliance' 
3 4 'Structure model' 'Data collection'           
4 4 'Structure model' 'Database references'       
5 4 'Structure model' Other                       
# 
loop_
_pdbx_audit_revision_category.ordinal 
_pdbx_audit_revision_category.revision_ordinal 
_pdbx_audit_revision_category.data_content_type 
_pdbx_audit_revision_category.category 
1 4 'Structure model' chem_comp_atom       
2 4 'Structure model' chem_comp_bond       
3 4 'Structure model' database_2           
4 4 'Structure model' pdbx_database_status 
# 
loop_
_pdbx_audit_revision_item.ordinal 
_pdbx_audit_revision_item.revision_ordinal 
_pdbx_audit_revision_item.data_content_type 
_pdbx_audit_revision_item.item 
1 4 'Structure model' '_database_2.pdbx_DOI'                
2 4 'Structure model' '_database_2.pdbx_database_accession' 
3 4 'Structure model' '_pdbx_database_status.process_site'  
# 
_pdbx_database_status.status_code                     REL 
_pdbx_database_status.entry_id                        1HIG 
_pdbx_database_status.recvd_initial_deposition_date   1991-10-03 
_pdbx_database_status.deposit_site                    ? 
_pdbx_database_status.process_site                    BNL 
_pdbx_database_status.SG_entry                        . 
_pdbx_database_status.pdb_format_compatible           Y 
_pdbx_database_status.status_code_mr                  ? 
_pdbx_database_status.status_code_sf                  ? 
_pdbx_database_status.status_code_cs                  ? 
_pdbx_database_status.status_code_nmr_data            ? 
_pdbx_database_status.methods_development_category    ? 
# 
loop_
_audit_author.name 
_audit_author.pdbx_ordinal 
'Ealick, S.E.'      1 
'Cook, W.J.'        2 
'Vijay-Kumar, S.'   3 
'Carson, M.'        4 
'Nagabhushan, T.L.' 5 
'Trotta, P.P.'      6 
'Bugg, C.E.'        7 
# 
loop_
_citation.id 
_citation.title 
_citation.journal_abbrev 
_citation.journal_volume 
_citation.page_first 
_citation.page_last 
_citation.year 
_citation.journal_id_ASTM 
_citation.country 
_citation.journal_id_ISSN 
_citation.journal_id_CSD 
_citation.book_publisher 
_citation.pdbx_database_id_PubMed 
_citation.pdbx_database_id_DOI 
primary 'Three-dimensional structure of recombinant human interferon-gamma.'                                  Science      252 698 
702 1991 SCIEAS US 0036-8075 0038 ? 1902591 ? 
1       'Crystallization and Preliminary X-Ray Investigation of a Recombinant Form of Human Gamma-Interferon' J.Biol.Chem. 262 
4804 ?   1987 JBCHA3 US 0021-9258 0071 ? ?       ? 
# 
loop_
_citation_author.citation_id 
_citation_author.name 
_citation_author.ordinal 
_citation_author.identifier_ORCID 
primary 'Ealick, S.E.'      1  ? 
primary 'Cook, W.J.'        2  ? 
primary 'Vijay-Kumar, S.'   3  ? 
primary 'Carson, M.'        4  ? 
primary 'Nagabhushan, T.L.' 5  ? 
primary 'Trotta, P.P.'      6  ? 
primary 'Bugg, C.E.'        7  ? 
1       'Vijay-Kumar, S.'   8  ? 
1       'Senadhi, S.E.'     9  ? 
1       'Ealick, S.E.'      10 ? 
1       'Nagabhushan, T.L.' 11 ? 
1       'Trotta, P.P.'      12 ? 
1       'Kosecki, R.'       13 ? 
1       'Reichert, P.'      14 ? 
1       'Bugg, C.E.'        15 ? 
# 
_entity.id                         1 
_entity.type                       polymer 
_entity.src_method                 man 
_entity.pdbx_description           INTERFERON-GAMMA 
_entity.formula_weight             16205.518 
_entity.pdbx_number_of_molecules   4 
_entity.pdbx_ec                    ? 
_entity.pdbx_mutation              ? 
_entity.pdbx_fragment              ? 
_entity.details                    ? 
# 
_entity_poly.entity_id                      1 
_entity_poly.type                           'polypeptide(L)' 
_entity_poly.nstd_linkage                   no 
_entity_poly.nstd_monomer                   no 
_entity_poly.pdbx_seq_one_letter_code       
;QDPYVKEAENLKKYFNAGHSDVADNGTLFLGILKNWKEESDRKIMQSQIVSFYFKLFKNFKDDQSIQKSVETIKEDMNVK
FFNSNKKKRDDFEKLTNYSVTDLNVQRKAIHELIQVMAELSPAAKTGKRKRSQMLFRG
;
_entity_poly.pdbx_seq_one_letter_code_can   
;QDPYVKEAENLKKYFNAGHSDVADNGTLFLGILKNWKEESDRKIMQSQIVSFYFKLFKNFKDDQSIQKSVETIKEDMNVK
FFNSNKKKRDDFEKLTNYSVTDLNVQRKAIHELIQVMAELSPAAKTGKRKRSQMLFRG
;
_entity_poly.pdbx_strand_id                 A,B,C,D 
_entity_poly.pdbx_target_identifier         ? 
# 
loop_
_entity_poly_seq.entity_id 
_entity_poly_seq.num 
_entity_poly_seq.mon_id 
_entity_poly_seq.hetero 
1 1   GLN n 
1 2   ASP n 
1 3   PRO n 
1 4   TYR n 
1 5   VAL n 
1 6   LYS n 
1 7   GLU n 
1 8   ALA n 
1 9   GLU n 
1 10  ASN n 
1 11  LEU n 
1 12  LYS n 
1 13  LYS n 
1 14  TYR n 
1 15  PHE n 
1 16  ASN n 
1 17  ALA n 
1 18  GLY n 
1 19  HIS n 
1 20  SER n 
1 21  ASP n 
1 22  VAL n 
1 23  ALA n 
1 24  ASP n 
1 25  ASN n 
1 26  GLY n 
1 27  THR n 
1 28  LEU n 
1 29  PHE n 
1 30  LEU n 
1 31  GLY n 
1 32  ILE n 
1 33  LEU n 
1 34  LYS n 
1 35  ASN n 
1 36  TRP n 
1 37  LYS n 
1 38  GLU n 
1 39  GLU n 
1 40  SER n 
1 41  ASP n 
1 42  ARG n 
1 43  LYS n 
1 44  ILE n 
1 45  MET n 
1 46  GLN n 
1 47  SER n 
1 48  GLN n 
1 49  ILE n 
1 50  VAL n 
1 51  SER n 
1 52  PHE n 
1 53  TYR n 
1 54  PHE n 
1 55  LYS n 
1 56  LEU n 
1 57  PHE n 
1 58  LYS n 
1 59  ASN n 
1 60  PHE n 
1 61  LYS n 
1 62  ASP n 
1 63  ASP n 
1 64  GLN n 
1 65  SER n 
1 66  ILE n 
1 67  GLN n 
1 68  LYS n 
1 69  SER n 
1 70  VAL n 
1 71  GLU n 
1 72  THR n 
1 73  ILE n 
1 74  LYS n 
1 75  GLU n 
1 76  ASP n 
1 77  MET n 
1 78  ASN n 
1 79  VAL n 
1 80  LYS n 
1 81  PHE n 
1 82  PHE n 
1 83  ASN n 
1 84  SER n 
1 85  ASN n 
1 86  LYS n 
1 87  LYS n 
1 88  LYS n 
1 89  ARG n 
1 90  ASP n 
1 91  ASP n 
1 92  PHE n 
1 93  GLU n 
1 94  LYS n 
1 95  LEU n 
1 96  THR n 
1 97  ASN n 
1 98  TYR n 
1 99  SER n 
1 100 VAL n 
1 101 THR n 
1 102 ASP n 
1 103 LEU n 
1 104 ASN n 
1 105 VAL n 
1 106 GLN n 
1 107 ARG n 
1 108 LYS n 
1 109 ALA n 
1 110 ILE n 
1 111 HIS n 
1 112 GLU n 
1 113 LEU n 
1 114 ILE n 
1 115 GLN n 
1 116 VAL n 
1 117 MET n 
1 118 ALA n 
1 119 GLU n 
1 120 LEU n 
1 121 SER n 
1 122 PRO n 
1 123 ALA n 
1 124 ALA n 
1 125 LYS n 
1 126 THR n 
1 127 GLY n 
1 128 LYS n 
1 129 ARG n 
1 130 LYS n 
1 131 ARG n 
1 132 SER n 
1 133 GLN n 
1 134 MET n 
1 135 LEU n 
1 136 PHE n 
1 137 ARG n 
1 138 GLY n 
# 
_entity_src_gen.entity_id                          1 
_entity_src_gen.pdbx_src_id                        1 
_entity_src_gen.pdbx_alt_source_flag               sample 
_entity_src_gen.pdbx_seq_type                      ? 
_entity_src_gen.pdbx_beg_seq_num                   ? 
_entity_src_gen.pdbx_end_seq_num                   ? 
_entity_src_gen.gene_src_common_name               human 
_entity_src_gen.gene_src_genus                     Homo 
_entity_src_gen.pdbx_gene_src_gene                 ? 
_entity_src_gen.gene_src_species                   ? 
_entity_src_gen.gene_src_strain                    ? 
_entity_src_gen.gene_src_tissue                    ? 
_entity_src_gen.gene_src_tissue_fraction           ? 
_entity_src_gen.gene_src_details                   ? 
_entity_src_gen.pdbx_gene_src_fragment             ? 
_entity_src_gen.pdbx_gene_src_scientific_name      'Homo sapiens' 
_entity_src_gen.pdbx_gene_src_ncbi_taxonomy_id     9606 
_entity_src_gen.pdbx_gene_src_variant              ? 
_entity_src_gen.pdbx_gene_src_cell_line            ? 
_entity_src_gen.pdbx_gene_src_atcc                 ? 
_entity_src_gen.pdbx_gene_src_organ                ? 
_entity_src_gen.pdbx_gene_src_organelle            ? 
_entity_src_gen.pdbx_gene_src_cell                 ? 
_entity_src_gen.pdbx_gene_src_cellular_location    ? 
_entity_src_gen.host_org_common_name               ? 
_entity_src_gen.pdbx_host_org_scientific_name      ? 
_entity_src_gen.pdbx_host_org_ncbi_taxonomy_id     ? 
_entity_src_gen.host_org_genus                     ? 
_entity_src_gen.pdbx_host_org_gene                 ? 
_entity_src_gen.pdbx_host_org_organ                ? 
_entity_src_gen.host_org_species                   ? 
_entity_src_gen.pdbx_host_org_tissue               ? 
_entity_src_gen.pdbx_host_org_tissue_fraction      ? 
_entity_src_gen.pdbx_host_org_strain               ? 
_entity_src_gen.pdbx_host_org_variant              ? 
_entity_src_gen.pdbx_host_org_cell_line            ? 
_entity_src_gen.pdbx_host_org_atcc                 ? 
_entity_src_gen.pdbx_host_org_culture_collection   ? 
_entity_src_gen.pdbx_host_org_cell                 ? 
_entity_src_gen.pdbx_host_org_organelle            ? 
_entity_src_gen.pdbx_host_org_cellular_location    ? 
_entity_src_gen.pdbx_host_org_vector_type          ? 
_entity_src_gen.pdbx_host_org_vector               ? 
_entity_src_gen.host_org_details                   ? 
_entity_src_gen.expression_system_id               ? 
_entity_src_gen.plasmid_name                       ? 
_entity_src_gen.plasmid_details                    ? 
_entity_src_gen.pdbx_description                   ? 
# 
loop_
_chem_comp.id 
_chem_comp.type 
_chem_comp.mon_nstd_flag 
_chem_comp.name 
_chem_comp.pdbx_synonyms 
_chem_comp.formula 
_chem_comp.formula_weight 
ALA 'L-peptide linking' y ALANINE         ? 'C3 H7 N O2'     89.093  
ARG 'L-peptide linking' y ARGININE        ? 'C6 H15 N4 O2 1' 175.209 
ASN 'L-peptide linking' y ASPARAGINE      ? 'C4 H8 N2 O3'    132.118 
ASP 'L-peptide linking' y 'ASPARTIC ACID' ? 'C4 H7 N O4'     133.103 
GLN 'L-peptide linking' y GLUTAMINE       ? 'C5 H10 N2 O3'   146.144 
GLU 'L-peptide linking' y 'GLUTAMIC ACID' ? 'C5 H9 N O4'     147.129 
GLY 'peptide linking'   y GLYCINE         ? 'C2 H5 N O2'     75.067  
HIS 'L-peptide linking' y HISTIDINE       ? 'C6 H10 N3 O2 1' 156.162 
ILE 'L-peptide linking' y ISOLEUCINE      ? 'C6 H13 N O2'    131.173 
LEU 'L-peptide linking' y LEUCINE         ? 'C6 H13 N O2'    131.173 
LYS 'L-peptide linking' y LYSINE          ? 'C6 H15 N2 O2 1' 147.195 
MET 'L-peptide linking' y METHIONINE      ? 'C5 H11 N O2 S'  149.211 
PHE 'L-peptide linking' y PHENYLALANINE   ? 'C9 H11 N O2'    165.189 
PRO 'L-peptide linking' y PROLINE         ? 'C5 H9 N O2'     115.130 
SER 'L-peptide linking' y SERINE          ? 'C3 H7 N O3'     105.093 
THR 'L-peptide linking' y THREONINE       ? 'C4 H9 N O3'     119.119 
TRP 'L-peptide linking' y TRYPTOPHAN      ? 'C11 H12 N2 O2'  204.225 
TYR 'L-peptide linking' y TYROSINE        ? 'C9 H11 N O3'    181.189 
VAL 'L-peptide linking' y VALINE          ? 'C5 H11 N O2'    117.146 
# 
loop_
_pdbx_poly_seq_scheme.asym_id 
_pdbx_poly_seq_scheme.entity_id 
_pdbx_poly_seq_scheme.seq_id 
_pdbx_poly_seq_scheme.mon_id 
_pdbx_poly_seq_scheme.ndb_seq_num 
_pdbx_poly_seq_scheme.pdb_seq_num 
_pdbx_poly_seq_scheme.auth_seq_num 
_pdbx_poly_seq_scheme.pdb_mon_id 
_pdbx_poly_seq_scheme.auth_mon_id 
_pdbx_poly_seq_scheme.pdb_strand_id 
_pdbx_poly_seq_scheme.pdb_ins_code 
_pdbx_poly_seq_scheme.hetero 
A 1 1   GLN 1   1   1   GLN GLN A . n 
A 1 2   ASP 2   2   2   ASP ASP A . n 
A 1 3   PRO 3   3   3   PRO PRO A . n 
A 1 4   TYR 4   4   4   TYR TYR A . n 
A 1 5   VAL 5   5   5   VAL VAL A . n 
A 1 6   LYS 6   6   6   LYS LYS A . n 
A 1 7   GLU 7   7   7   GLU GLU A . n 
A 1 8   ALA 8   8   8   ALA ALA A . n 
A 1 9   GLU 9   9   9   GLU GLU A . n 
A 1 10  ASN 10  10  10  ASN ASN A . n 
A 1 11  LEU 11  11  11  LEU LEU A . n 
A 1 12  LYS 12  12  12  LYS LYS A . n 
A 1 13  LYS 13  13  13  LYS LYS A . n 
A 1 14  TYR 14  14  14  TYR TYR A . n 
A 1 15  PHE 15  15  15  PHE PHE A . n 
A 1 16  ASN 16  16  16  ASN ASN A . n 
A 1 17  ALA 17  17  17  ALA ALA A . n 
A 1 18  GLY 18  18  18  GLY GLY A . n 
A 1 19  HIS 19  19  19  HIS HIS A . n 
A 1 20  SER 20  20  20  SER SER A . n 
A 1 21  ASP 21  21  21  ASP ASP A . n 
A 1 22  VAL 22  22  22  VAL VAL A . n 
A 1 23  ALA 23  23  23  ALA ALA A . n 
A 1 24  ASP 24  24  24  ASP ASP A . n 
A 1 25  ASN 25  25  25  ASN ASN A . n 
A 1 26  GLY 26  26  26  GLY GLY A . n 
A 1 27  THR 27  27  27  THR THR A . n 
A 1 28  LEU 28  28  28  LEU LEU A . n 
A 1 29  PHE 29  29  29  PHE PHE A . n 
A 1 30  LEU 30  30  30  LEU LEU A . n 
A 1 31  GLY 31  31  31  GLY GLY A . n 
A 1 32  ILE 32  32  32  ILE ILE A . n 
A 1 33  LEU 33  33  33  LEU LEU A . n 
A 1 34  LYS 34  34  34  LYS LYS A . n 
A 1 35  ASN 35  35  35  ASN ASN A . n 
A 1 36  TRP 36  36  36  TRP TRP A . n 
A 1 37  LYS 37  37  37  LYS LYS A . n 
A 1 38  GLU 38  38  38  GLU GLU A . n 
A 1 39  GLU 39  39  39  GLU GLU A . n 
A 1 40  SER 40  40  40  SER SER A . n 
A 1 41  ASP 41  41  41  ASP ASP A . n 
A 1 42  ARG 42  42  42  ARG ARG A . n 
A 1 43  LYS 43  43  43  LYS LYS A . n 
A 1 44  ILE 44  44  44  ILE ILE A . n 
A 1 45  MET 45  45  45  MET MET A . n 
A 1 46  GLN 46  46  46  GLN GLN A . n 
A 1 47  SER 47  47  47  SER SER A . n 
A 1 48  GLN 48  48  48  GLN GLN A . n 
A 1 49  ILE 49  49  49  ILE ILE A . n 
A 1 50  VAL 50  50  50  VAL VAL A . n 
A 1 51  SER 51  51  51  SER SER A . n 
A 1 52  PHE 52  52  52  PHE PHE A . n 
A 1 53  TYR 53  53  53  TYR TYR A . n 
A 1 54  PHE 54  54  54  PHE PHE A . n 
A 1 55  LYS 55  55  55  LYS LYS A . n 
A 1 56  LEU 56  56  56  LEU LEU A . n 
A 1 57  PHE 57  57  57  PHE PHE A . n 
A 1 58  LYS 58  58  58  LYS LYS A . n 
A 1 59  ASN 59  59  59  ASN ASN A . n 
A 1 60  PHE 60  60  60  PHE PHE A . n 
A 1 61  LYS 61  61  61  LYS LYS A . n 
A 1 62  ASP 62  62  62  ASP ASP A . n 
A 1 63  ASP 63  63  63  ASP ASP A . n 
A 1 64  GLN 64  64  64  GLN GLN A . n 
A 1 65  SER 65  65  65  SER SER A . n 
A 1 66  ILE 66  66  66  ILE ILE A . n 
A 1 67  GLN 67  67  67  GLN GLN A . n 
A 1 68  LYS 68  68  68  LYS LYS A . n 
A 1 69  SER 69  69  69  SER SER A . n 
A 1 70  VAL 70  70  70  VAL VAL A . n 
A 1 71  GLU 71  71  71  GLU GLU A . n 
A 1 72  THR 72  72  72  THR THR A . n 
A 1 73  ILE 73  73  73  ILE ILE A . n 
A 1 74  LYS 74  74  74  LYS LYS A . n 
A 1 75  GLU 75  75  75  GLU GLU A . n 
A 1 76  ASP 76  76  76  ASP ASP A . n 
A 1 77  MET 77  77  77  MET MET A . n 
A 1 78  ASN 78  78  78  ASN ASN A . n 
A 1 79  VAL 79  79  79  VAL VAL A . n 
A 1 80  LYS 80  80  80  LYS LYS A . n 
A 1 81  PHE 81  81  81  PHE PHE A . n 
A 1 82  PHE 82  82  82  PHE PHE A . n 
A 1 83  ASN 83  83  83  ASN ASN A . n 
A 1 84  SER 84  84  84  SER SER A . n 
A 1 85  ASN 85  85  85  ASN ASN A . n 
A 1 86  LYS 86  86  86  LYS LYS A . n 
A 1 87  LYS 87  87  87  LYS LYS A . n 
A 1 88  LYS 88  88  88  LYS LYS A . n 
A 1 89  ARG 89  89  89  ARG ARG A . n 
A 1 90  ASP 90  90  90  ASP ASP A . n 
A 1 91  ASP 91  91  91  ASP ASP A . n 
A 1 92  PHE 92  92  92  PHE PHE A . n 
A 1 93  GLU 93  93  93  GLU GLU A . n 
A 1 94  LYS 94  94  94  LYS LYS A . n 
A 1 95  LEU 95  95  95  LEU LEU A . n 
A 1 96  THR 96  96  96  THR THR A . n 
A 1 97  ASN 97  97  97  ASN ASN A . n 
A 1 98  TYR 98  98  98  TYR TYR A . n 
A 1 99  SER 99  99  99  SER SER A . n 
A 1 100 VAL 100 100 100 VAL VAL A . n 
A 1 101 THR 101 101 101 THR THR A . n 
A 1 102 ASP 102 102 102 ASP ASP A . n 
A 1 103 LEU 103 103 103 LEU LEU A . n 
A 1 104 ASN 104 104 104 ASN ASN A . n 
A 1 105 VAL 105 105 105 VAL VAL A . n 
A 1 106 GLN 106 106 106 GLN GLN A . n 
A 1 107 ARG 107 107 107 ARG ARG A . n 
A 1 108 LYS 108 108 108 LYS LYS A . n 
A 1 109 ALA 109 109 109 ALA ALA A . n 
A 1 110 ILE 110 110 110 ILE ILE A . n 
A 1 111 HIS 111 111 111 HIS HIS A . n 
A 1 112 GLU 112 112 112 GLU GLU A . n 
A 1 113 LEU 113 113 113 LEU LEU A . n 
A 1 114 ILE 114 114 114 ILE ILE A . n 
A 1 115 GLN 115 115 115 GLN GLN A . n 
A 1 116 VAL 116 116 116 VAL VAL A . n 
A 1 117 MET 117 117 117 MET MET A . n 
A 1 118 ALA 118 118 118 ALA ALA A . n 
A 1 119 GLU 119 119 119 GLU GLU A . n 
A 1 120 LEU 120 120 120 LEU LEU A . n 
A 1 121 SER 121 121 121 SER SER A . n 
A 1 122 PRO 122 122 122 PRO PRO A . n 
A 1 123 ALA 123 123 123 ALA ALA A . n 
A 1 124 ALA 124 124 ?   ?   ?   A . n 
A 1 125 LYS 125 125 ?   ?   ?   A . n 
A 1 126 THR 126 126 ?   ?   ?   A . n 
A 1 127 GLY 127 127 ?   ?   ?   A . n 
A 1 128 LYS 128 128 ?   ?   ?   A . n 
A 1 129 ARG 129 129 ?   ?   ?   A . n 
A 1 130 LYS 130 130 ?   ?   ?   A . n 
A 1 131 ARG 131 131 ?   ?   ?   A . n 
A 1 132 SER 132 132 ?   ?   ?   A . n 
A 1 133 GLN 133 133 ?   ?   ?   A . n 
A 1 134 MET 134 134 ?   ?   ?   A . n 
A 1 135 LEU 135 135 ?   ?   ?   A . n 
A 1 136 PHE 136 136 ?   ?   ?   A . n 
A 1 137 ARG 137 137 ?   ?   ?   A . n 
A 1 138 GLY 138 138 ?   ?   ?   A . n 
B 1 1   GLN 1   1   1   GLN GLN B . n 
B 1 2   ASP 2   2   2   ASP ASP B . n 
B 1 3   PRO 3   3   3   PRO PRO B . n 
B 1 4   TYR 4   4   4   TYR TYR B . n 
B 1 5   VAL 5   5   5   VAL VAL B . n 
B 1 6   LYS 6   6   6   LYS LYS B . n 
B 1 7   GLU 7   7   7   GLU GLU B . n 
B 1 8   ALA 8   8   8   ALA ALA B . n 
B 1 9   GLU 9   9   9   GLU GLU B . n 
B 1 10  ASN 10  10  10  ASN ASN B . n 
B 1 11  LEU 11  11  11  LEU LEU B . n 
B 1 12  LYS 12  12  12  LYS LYS B . n 
B 1 13  LYS 13  13  13  LYS LYS B . n 
B 1 14  TYR 14  14  14  TYR TYR B . n 
B 1 15  PHE 15  15  15  PHE PHE B . n 
B 1 16  ASN 16  16  16  ASN ASN B . n 
B 1 17  ALA 17  17  17  ALA ALA B . n 
B 1 18  GLY 18  18  18  GLY GLY B . n 
B 1 19  HIS 19  19  19  HIS HIS B . n 
B 1 20  SER 20  20  20  SER SER B . n 
B 1 21  ASP 21  21  21  ASP ASP B . n 
B 1 22  VAL 22  22  22  VAL VAL B . n 
B 1 23  ALA 23  23  23  ALA ALA B . n 
B 1 24  ASP 24  24  24  ASP ASP B . n 
B 1 25  ASN 25  25  25  ASN ASN B . n 
B 1 26  GLY 26  26  26  GLY GLY B . n 
B 1 27  THR 27  27  27  THR THR B . n 
B 1 28  LEU 28  28  28  LEU LEU B . n 
B 1 29  PHE 29  29  29  PHE PHE B . n 
B 1 30  LEU 30  30  30  LEU LEU B . n 
B 1 31  GLY 31  31  31  GLY GLY B . n 
B 1 32  ILE 32  32  32  ILE ILE B . n 
B 1 33  LEU 33  33  33  LEU LEU B . n 
B 1 34  LYS 34  34  34  LYS LYS B . n 
B 1 35  ASN 35  35  35  ASN ASN B . n 
B 1 36  TRP 36  36  36  TRP TRP B . n 
B 1 37  LYS 37  37  37  LYS LYS B . n 
B 1 38  GLU 38  38  38  GLU GLU B . n 
B 1 39  GLU 39  39  39  GLU GLU B . n 
B 1 40  SER 40  40  40  SER SER B . n 
B 1 41  ASP 41  41  41  ASP ASP B . n 
B 1 42  ARG 42  42  42  ARG ARG B . n 
B 1 43  LYS 43  43  43  LYS LYS B . n 
B 1 44  ILE 44  44  44  ILE ILE B . n 
B 1 45  MET 45  45  45  MET MET B . n 
B 1 46  GLN 46  46  46  GLN GLN B . n 
B 1 47  SER 47  47  47  SER SER B . n 
B 1 48  GLN 48  48  48  GLN GLN B . n 
B 1 49  ILE 49  49  49  ILE ILE B . n 
B 1 50  VAL 50  50  50  VAL VAL B . n 
B 1 51  SER 51  51  51  SER SER B . n 
B 1 52  PHE 52  52  52  PHE PHE B . n 
B 1 53  TYR 53  53  53  TYR TYR B . n 
B 1 54  PHE 54  54  54  PHE PHE B . n 
B 1 55  LYS 55  55  55  LYS LYS B . n 
B 1 56  LEU 56  56  56  LEU LEU B . n 
B 1 57  PHE 57  57  57  PHE PHE B . n 
B 1 58  LYS 58  58  58  LYS LYS B . n 
B 1 59  ASN 59  59  59  ASN ASN B . n 
B 1 60  PHE 60  60  60  PHE PHE B . n 
B 1 61  LYS 61  61  61  LYS LYS B . n 
B 1 62  ASP 62  62  62  ASP ASP B . n 
B 1 63  ASP 63  63  63  ASP ASP B . n 
B 1 64  GLN 64  64  64  GLN GLN B . n 
B 1 65  SER 65  65  65  SER SER B . n 
B 1 66  ILE 66  66  66  ILE ILE B . n 
B 1 67  GLN 67  67  67  GLN GLN B . n 
B 1 68  LYS 68  68  68  LYS LYS B . n 
B 1 69  SER 69  69  69  SER SER B . n 
B 1 70  VAL 70  70  70  VAL VAL B . n 
B 1 71  GLU 71  71  71  GLU GLU B . n 
B 1 72  THR 72  72  72  THR THR B . n 
B 1 73  ILE 73  73  73  ILE ILE B . n 
B 1 74  LYS 74  74  74  LYS LYS B . n 
B 1 75  GLU 75  75  75  GLU GLU B . n 
B 1 76  ASP 76  76  76  ASP ASP B . n 
B 1 77  MET 77  77  77  MET MET B . n 
B 1 78  ASN 78  78  78  ASN ASN B . n 
B 1 79  VAL 79  79  79  VAL VAL B . n 
B 1 80  LYS 80  80  80  LYS LYS B . n 
B 1 81  PHE 81  81  81  PHE PHE B . n 
B 1 82  PHE 82  82  82  PHE PHE B . n 
B 1 83  ASN 83  83  83  ASN ASN B . n 
B 1 84  SER 84  84  84  SER SER B . n 
B 1 85  ASN 85  85  85  ASN ASN B . n 
B 1 86  LYS 86  86  86  LYS LYS B . n 
B 1 87  LYS 87  87  87  LYS LYS B . n 
B 1 88  LYS 88  88  88  LYS LYS B . n 
B 1 89  ARG 89  89  89  ARG ARG B . n 
B 1 90  ASP 90  90  90  ASP ASP B . n 
B 1 91  ASP 91  91  91  ASP ASP B . n 
B 1 92  PHE 92  92  92  PHE PHE B . n 
B 1 93  GLU 93  93  93  GLU GLU B . n 
B 1 94  LYS 94  94  94  LYS LYS B . n 
B 1 95  LEU 95  95  95  LEU LEU B . n 
B 1 96  THR 96  96  96  THR THR B . n 
B 1 97  ASN 97  97  97  ASN ASN B . n 
B 1 98  TYR 98  98  98  TYR TYR B . n 
B 1 99  SER 99  99  99  SER SER B . n 
B 1 100 VAL 100 100 100 VAL VAL B . n 
B 1 101 THR 101 101 101 THR THR B . n 
B 1 102 ASP 102 102 102 ASP ASP B . n 
B 1 103 LEU 103 103 103 LEU LEU B . n 
B 1 104 ASN 104 104 104 ASN ASN B . n 
B 1 105 VAL 105 105 105 VAL VAL B . n 
B 1 106 GLN 106 106 106 GLN GLN B . n 
B 1 107 ARG 107 107 107 ARG ARG B . n 
B 1 108 LYS 108 108 108 LYS LYS B . n 
B 1 109 ALA 109 109 109 ALA ALA B . n 
B 1 110 ILE 110 110 110 ILE ILE B . n 
B 1 111 HIS 111 111 111 HIS HIS B . n 
B 1 112 GLU 112 112 112 GLU GLU B . n 
B 1 113 LEU 113 113 113 LEU LEU B . n 
B 1 114 ILE 114 114 114 ILE ILE B . n 
B 1 115 GLN 115 115 115 GLN GLN B . n 
B 1 116 VAL 116 116 116 VAL VAL B . n 
B 1 117 MET 117 117 117 MET MET B . n 
B 1 118 ALA 118 118 118 ALA ALA B . n 
B 1 119 GLU 119 119 119 GLU GLU B . n 
B 1 120 LEU 120 120 120 LEU LEU B . n 
B 1 121 SER 121 121 121 SER SER B . n 
B 1 122 PRO 122 122 122 PRO PRO B . n 
B 1 123 ALA 123 123 123 ALA ALA B . n 
B 1 124 ALA 124 124 ?   ?   ?   B . n 
B 1 125 LYS 125 125 ?   ?   ?   B . n 
B 1 126 THR 126 126 ?   ?   ?   B . n 
B 1 127 GLY 127 127 ?   ?   ?   B . n 
B 1 128 LYS 128 128 ?   ?   ?   B . n 
B 1 129 ARG 129 129 ?   ?   ?   B . n 
B 1 130 LYS 130 130 ?   ?   ?   B . n 
B 1 131 ARG 131 131 ?   ?   ?   B . n 
B 1 132 SER 132 132 ?   ?   ?   B . n 
B 1 133 GLN 133 133 ?   ?   ?   B . n 
B 1 134 MET 134 134 ?   ?   ?   B . n 
B 1 135 LEU 135 135 ?   ?   ?   B . n 
B 1 136 PHE 136 136 ?   ?   ?   B . n 
B 1 137 ARG 137 137 ?   ?   ?   B . n 
B 1 138 GLY 138 138 ?   ?   ?   B . n 
C 1 1   GLN 1   1   1   GLN GLN C . n 
C 1 2   ASP 2   2   2   ASP ASP C . n 
C 1 3   PRO 3   3   3   PRO PRO C . n 
C 1 4   TYR 4   4   4   TYR TYR C . n 
C 1 5   VAL 5   5   5   VAL VAL C . n 
C 1 6   LYS 6   6   6   LYS LYS C . n 
C 1 7   GLU 7   7   7   GLU GLU C . n 
C 1 8   ALA 8   8   8   ALA ALA C . n 
C 1 9   GLU 9   9   9   GLU GLU C . n 
C 1 10  ASN 10  10  10  ASN ASN C . n 
C 1 11  LEU 11  11  11  LEU LEU C . n 
C 1 12  LYS 12  12  12  LYS LYS C . n 
C 1 13  LYS 13  13  13  LYS LYS C . n 
C 1 14  TYR 14  14  14  TYR TYR C . n 
C 1 15  PHE 15  15  15  PHE PHE C . n 
C 1 16  ASN 16  16  16  ASN ASN C . n 
C 1 17  ALA 17  17  17  ALA ALA C . n 
C 1 18  GLY 18  18  18  GLY GLY C . n 
C 1 19  HIS 19  19  19  HIS HIS C . n 
C 1 20  SER 20  20  20  SER SER C . n 
C 1 21  ASP 21  21  21  ASP ASP C . n 
C 1 22  VAL 22  22  22  VAL VAL C . n 
C 1 23  ALA 23  23  23  ALA ALA C . n 
C 1 24  ASP 24  24  24  ASP ASP C . n 
C 1 25  ASN 25  25  25  ASN ASN C . n 
C 1 26  GLY 26  26  26  GLY GLY C . n 
C 1 27  THR 27  27  27  THR THR C . n 
C 1 28  LEU 28  28  28  LEU LEU C . n 
C 1 29  PHE 29  29  29  PHE PHE C . n 
C 1 30  LEU 30  30  30  LEU LEU C . n 
C 1 31  GLY 31  31  31  GLY GLY C . n 
C 1 32  ILE 32  32  32  ILE ILE C . n 
C 1 33  LEU 33  33  33  LEU LEU C . n 
C 1 34  LYS 34  34  34  LYS LYS C . n 
C 1 35  ASN 35  35  35  ASN ASN C . n 
C 1 36  TRP 36  36  36  TRP TRP C . n 
C 1 37  LYS 37  37  37  LYS LYS C . n 
C 1 38  GLU 38  38  38  GLU GLU C . n 
C 1 39  GLU 39  39  39  GLU GLU C . n 
C 1 40  SER 40  40  40  SER SER C . n 
C 1 41  ASP 41  41  41  ASP ASP C . n 
C 1 42  ARG 42  42  42  ARG ARG C . n 
C 1 43  LYS 43  43  43  LYS LYS C . n 
C 1 44  ILE 44  44  44  ILE ILE C . n 
C 1 45  MET 45  45  45  MET MET C . n 
C 1 46  GLN 46  46  46  GLN GLN C . n 
C 1 47  SER 47  47  47  SER SER C . n 
C 1 48  GLN 48  48  48  GLN GLN C . n 
C 1 49  ILE 49  49  49  ILE ILE C . n 
C 1 50  VAL 50  50  50  VAL VAL C . n 
C 1 51  SER 51  51  51  SER SER C . n 
C 1 52  PHE 52  52  52  PHE PHE C . n 
C 1 53  TYR 53  53  53  TYR TYR C . n 
C 1 54  PHE 54  54  54  PHE PHE C . n 
C 1 55  LYS 55  55  55  LYS LYS C . n 
C 1 56  LEU 56  56  56  LEU LEU C . n 
C 1 57  PHE 57  57  57  PHE PHE C . n 
C 1 58  LYS 58  58  58  LYS LYS C . n 
C 1 59  ASN 59  59  59  ASN ASN C . n 
C 1 60  PHE 60  60  60  PHE PHE C . n 
C 1 61  LYS 61  61  61  LYS LYS C . n 
C 1 62  ASP 62  62  62  ASP ASP C . n 
C 1 63  ASP 63  63  63  ASP ASP C . n 
C 1 64  GLN 64  64  64  GLN GLN C . n 
C 1 65  SER 65  65  65  SER SER C . n 
C 1 66  ILE 66  66  66  ILE ILE C . n 
C 1 67  GLN 67  67  67  GLN GLN C . n 
C 1 68  LYS 68  68  68  LYS LYS C . n 
C 1 69  SER 69  69  69  SER SER C . n 
C 1 70  VAL 70  70  70  VAL VAL C . n 
C 1 71  GLU 71  71  71  GLU GLU C . n 
C 1 72  THR 72  72  72  THR THR C . n 
C 1 73  ILE 73  73  73  ILE ILE C . n 
C 1 74  LYS 74  74  74  LYS LYS C . n 
C 1 75  GLU 75  75  75  GLU GLU C . n 
C 1 76  ASP 76  76  76  ASP ASP C . n 
C 1 77  MET 77  77  77  MET MET C . n 
C 1 78  ASN 78  78  78  ASN ASN C . n 
C 1 79  VAL 79  79  79  VAL VAL C . n 
C 1 80  LYS 80  80  80  LYS LYS C . n 
C 1 81  PHE 81  81  81  PHE PHE C . n 
C 1 82  PHE 82  82  82  PHE PHE C . n 
C 1 83  ASN 83  83  83  ASN ASN C . n 
C 1 84  SER 84  84  84  SER SER C . n 
C 1 85  ASN 85  85  85  ASN ASN C . n 
C 1 86  LYS 86  86  86  LYS LYS C . n 
C 1 87  LYS 87  87  87  LYS LYS C . n 
C 1 88  LYS 88  88  88  LYS LYS C . n 
C 1 89  ARG 89  89  89  ARG ARG C . n 
C 1 90  ASP 90  90  90  ASP ASP C . n 
C 1 91  ASP 91  91  91  ASP ASP C . n 
C 1 92  PHE 92  92  92  PHE PHE C . n 
C 1 93  GLU 93  93  93  GLU GLU C . n 
C 1 94  LYS 94  94  94  LYS LYS C . n 
C 1 95  LEU 95  95  95  LEU LEU C . n 
C 1 96  THR 96  96  96  THR THR C . n 
C 1 97  ASN 97  97  97  ASN ASN C . n 
C 1 98  TYR 98  98  98  TYR TYR C . n 
C 1 99  SER 99  99  99  SER SER C . n 
C 1 100 VAL 100 100 100 VAL VAL C . n 
C 1 101 THR 101 101 101 THR THR C . n 
C 1 102 ASP 102 102 102 ASP ASP C . n 
C 1 103 LEU 103 103 103 LEU LEU C . n 
C 1 104 ASN 104 104 104 ASN ASN C . n 
C 1 105 VAL 105 105 105 VAL VAL C . n 
C 1 106 GLN 106 106 106 GLN GLN C . n 
C 1 107 ARG 107 107 107 ARG ARG C . n 
C 1 108 LYS 108 108 108 LYS LYS C . n 
C 1 109 ALA 109 109 109 ALA ALA C . n 
C 1 110 ILE 110 110 110 ILE ILE C . n 
C 1 111 HIS 111 111 111 HIS HIS C . n 
C 1 112 GLU 112 112 112 GLU GLU C . n 
C 1 113 LEU 113 113 113 LEU LEU C . n 
C 1 114 ILE 114 114 114 ILE ILE C . n 
C 1 115 GLN 115 115 115 GLN GLN C . n 
C 1 116 VAL 116 116 116 VAL VAL C . n 
C 1 117 MET 117 117 117 MET MET C . n 
C 1 118 ALA 118 118 118 ALA ALA C . n 
C 1 119 GLU 119 119 119 GLU GLU C . n 
C 1 120 LEU 120 120 120 LEU LEU C . n 
C 1 121 SER 121 121 121 SER SER C . n 
C 1 122 PRO 122 122 122 PRO PRO C . n 
C 1 123 ALA 123 123 123 ALA ALA C . n 
C 1 124 ALA 124 124 ?   ?   ?   C . n 
C 1 125 LYS 125 125 ?   ?   ?   C . n 
C 1 126 THR 126 126 ?   ?   ?   C . n 
C 1 127 GLY 127 127 ?   ?   ?   C . n 
C 1 128 LYS 128 128 ?   ?   ?   C . n 
C 1 129 ARG 129 129 ?   ?   ?   C . n 
C 1 130 LYS 130 130 ?   ?   ?   C . n 
C 1 131 ARG 131 131 ?   ?   ?   C . n 
C 1 132 SER 132 132 ?   ?   ?   C . n 
C 1 133 GLN 133 133 ?   ?   ?   C . n 
C 1 134 MET 134 134 ?   ?   ?   C . n 
C 1 135 LEU 135 135 ?   ?   ?   C . n 
C 1 136 PHE 136 136 ?   ?   ?   C . n 
C 1 137 ARG 137 137 ?   ?   ?   C . n 
C 1 138 GLY 138 138 ?   ?   ?   C . n 
D 1 1   GLN 1   1   1   GLN GLN D . n 
D 1 2   ASP 2   2   2   ASP ASP D . n 
D 1 3   PRO 3   3   3   PRO PRO D . n 
D 1 4   TYR 4   4   4   TYR TYR D . n 
D 1 5   VAL 5   5   5   VAL VAL D . n 
D 1 6   LYS 6   6   6   LYS LYS D . n 
D 1 7   GLU 7   7   7   GLU GLU D . n 
D 1 8   ALA 8   8   8   ALA ALA D . n 
D 1 9   GLU 9   9   9   GLU GLU D . n 
D 1 10  ASN 10  10  10  ASN ASN D . n 
D 1 11  LEU 11  11  11  LEU LEU D . n 
D 1 12  LYS 12  12  12  LYS LYS D . n 
D 1 13  LYS 13  13  13  LYS LYS D . n 
D 1 14  TYR 14  14  14  TYR TYR D . n 
D 1 15  PHE 15  15  15  PHE PHE D . n 
D 1 16  ASN 16  16  16  ASN ASN D . n 
D 1 17  ALA 17  17  17  ALA ALA D . n 
D 1 18  GLY 18  18  18  GLY GLY D . n 
D 1 19  HIS 19  19  19  HIS HIS D . n 
D 1 20  SER 20  20  20  SER SER D . n 
D 1 21  ASP 21  21  21  ASP ASP D . n 
D 1 22  VAL 22  22  22  VAL VAL D . n 
D 1 23  ALA 23  23  23  ALA ALA D . n 
D 1 24  ASP 24  24  24  ASP ASP D . n 
D 1 25  ASN 25  25  25  ASN ASN D . n 
D 1 26  GLY 26  26  26  GLY GLY D . n 
D 1 27  THR 27  27  27  THR THR D . n 
D 1 28  LEU 28  28  28  LEU LEU D . n 
D 1 29  PHE 29  29  29  PHE PHE D . n 
D 1 30  LEU 30  30  30  LEU LEU D . n 
D 1 31  GLY 31  31  31  GLY GLY D . n 
D 1 32  ILE 32  32  32  ILE ILE D . n 
D 1 33  LEU 33  33  33  LEU LEU D . n 
D 1 34  LYS 34  34  34  LYS LYS D . n 
D 1 35  ASN 35  35  35  ASN ASN D . n 
D 1 36  TRP 36  36  36  TRP TRP D . n 
D 1 37  LYS 37  37  37  LYS LYS D . n 
D 1 38  GLU 38  38  38  GLU GLU D . n 
D 1 39  GLU 39  39  39  GLU GLU D . n 
D 1 40  SER 40  40  40  SER SER D . n 
D 1 41  ASP 41  41  41  ASP ASP D . n 
D 1 42  ARG 42  42  42  ARG ARG D . n 
D 1 43  LYS 43  43  43  LYS LYS D . n 
D 1 44  ILE 44  44  44  ILE ILE D . n 
D 1 45  MET 45  45  45  MET MET D . n 
D 1 46  GLN 46  46  46  GLN GLN D . n 
D 1 47  SER 47  47  47  SER SER D . n 
D 1 48  GLN 48  48  48  GLN GLN D . n 
D 1 49  ILE 49  49  49  ILE ILE D . n 
D 1 50  VAL 50  50  50  VAL VAL D . n 
D 1 51  SER 51  51  51  SER SER D . n 
D 1 52  PHE 52  52  52  PHE PHE D . n 
D 1 53  TYR 53  53  53  TYR TYR D . n 
D 1 54  PHE 54  54  54  PHE PHE D . n 
D 1 55  LYS 55  55  55  LYS LYS D . n 
D 1 56  LEU 56  56  56  LEU LEU D . n 
D 1 57  PHE 57  57  57  PHE PHE D . n 
D 1 58  LYS 58  58  58  LYS LYS D . n 
D 1 59  ASN 59  59  59  ASN ASN D . n 
D 1 60  PHE 60  60  60  PHE PHE D . n 
D 1 61  LYS 61  61  61  LYS LYS D . n 
D 1 62  ASP 62  62  62  ASP ASP D . n 
D 1 63  ASP 63  63  63  ASP ASP D . n 
D 1 64  GLN 64  64  64  GLN GLN D . n 
D 1 65  SER 65  65  65  SER SER D . n 
D 1 66  ILE 66  66  66  ILE ILE D . n 
D 1 67  GLN 67  67  67  GLN GLN D . n 
D 1 68  LYS 68  68  68  LYS LYS D . n 
D 1 69  SER 69  69  69  SER SER D . n 
D 1 70  VAL 70  70  70  VAL VAL D . n 
D 1 71  GLU 71  71  71  GLU GLU D . n 
D 1 72  THR 72  72  72  THR THR D . n 
D 1 73  ILE 73  73  73  ILE ILE D . n 
D 1 74  LYS 74  74  74  LYS LYS D . n 
D 1 75  GLU 75  75  75  GLU GLU D . n 
D 1 76  ASP 76  76  76  ASP ASP D . n 
D 1 77  MET 77  77  77  MET MET D . n 
D 1 78  ASN 78  78  78  ASN ASN D . n 
D 1 79  VAL 79  79  79  VAL VAL D . n 
D 1 80  LYS 80  80  80  LYS LYS D . n 
D 1 81  PHE 81  81  81  PHE PHE D . n 
D 1 82  PHE 82  82  82  PHE PHE D . n 
D 1 83  ASN 83  83  83  ASN ASN D . n 
D 1 84  SER 84  84  84  SER SER D . n 
D 1 85  ASN 85  85  85  ASN ASN D . n 
D 1 86  LYS 86  86  86  LYS LYS D . n 
D 1 87  LYS 87  87  87  LYS LYS D . n 
D 1 88  LYS 88  88  88  LYS LYS D . n 
D 1 89  ARG 89  89  89  ARG ARG D . n 
D 1 90  ASP 90  90  90  ASP ASP D . n 
D 1 91  ASP 91  91  91  ASP ASP D . n 
D 1 92  PHE 92  92  92  PHE PHE D . n 
D 1 93  GLU 93  93  93  GLU GLU D . n 
D 1 94  LYS 94  94  94  LYS LYS D . n 
D 1 95  LEU 95  95  95  LEU LEU D . n 
D 1 96  THR 96  96  96  THR THR D . n 
D 1 97  ASN 97  97  97  ASN ASN D . n 
D 1 98  TYR 98  98  98  TYR TYR D . n 
D 1 99  SER 99  99  99  SER SER D . n 
D 1 100 VAL 100 100 100 VAL VAL D . n 
D 1 101 THR 101 101 101 THR THR D . n 
D 1 102 ASP 102 102 102 ASP ASP D . n 
D 1 103 LEU 103 103 103 LEU LEU D . n 
D 1 104 ASN 104 104 104 ASN ASN D . n 
D 1 105 VAL 105 105 105 VAL VAL D . n 
D 1 106 GLN 106 106 106 GLN GLN D . n 
D 1 107 ARG 107 107 107 ARG ARG D . n 
D 1 108 LYS 108 108 108 LYS LYS D . n 
D 1 109 ALA 109 109 109 ALA ALA D . n 
D 1 110 ILE 110 110 110 ILE ILE D . n 
D 1 111 HIS 111 111 111 HIS HIS D . n 
D 1 112 GLU 112 112 112 GLU GLU D . n 
D 1 113 LEU 113 113 113 LEU LEU D . n 
D 1 114 ILE 114 114 114 ILE ILE D . n 
D 1 115 GLN 115 115 115 GLN GLN D . n 
D 1 116 VAL 116 116 116 VAL VAL D . n 
D 1 117 MET 117 117 117 MET MET D . n 
D 1 118 ALA 118 118 118 ALA ALA D . n 
D 1 119 GLU 119 119 119 GLU GLU D . n 
D 1 120 LEU 120 120 120 LEU LEU D . n 
D 1 121 SER 121 121 121 SER SER D . n 
D 1 122 PRO 122 122 122 PRO PRO D . n 
D 1 123 ALA 123 123 123 ALA ALA D . n 
D 1 124 ALA 124 124 ?   ?   ?   D . n 
D 1 125 LYS 125 125 ?   ?   ?   D . n 
D 1 126 THR 126 126 ?   ?   ?   D . n 
D 1 127 GLY 127 127 ?   ?   ?   D . n 
D 1 128 LYS 128 128 ?   ?   ?   D . n 
D 1 129 ARG 129 129 ?   ?   ?   D . n 
D 1 130 LYS 130 130 ?   ?   ?   D . n 
D 1 131 ARG 131 131 ?   ?   ?   D . n 
D 1 132 SER 132 132 ?   ?   ?   D . n 
D 1 133 GLN 133 133 ?   ?   ?   D . n 
D 1 134 MET 134 134 ?   ?   ?   D . n 
D 1 135 LEU 135 135 ?   ?   ?   D . n 
D 1 136 PHE 136 136 ?   ?   ?   D . n 
D 1 137 ARG 137 137 ?   ?   ?   D . n 
D 1 138 GLY 138 138 ?   ?   ?   D . n 
# 
_software.name             X-PLOR 
_software.classification   refinement 
_software.version          . 
_software.citation_id      ? 
_software.pdbx_ordinal     1 
# 
_cell.entry_id           1HIG 
_cell.length_a           114.000 
_cell.length_b           114.000 
_cell.length_c           315.000 
_cell.angle_alpha        90.00 
_cell.angle_beta         90.00 
_cell.angle_gamma        120.00 
_cell.Z_PDB              72 
_cell.pdbx_unique_axis   ? 
# 
_symmetry.entry_id                         1HIG 
_symmetry.space_group_name_H-M             'H 3 2' 
_symmetry.pdbx_full_space_group_name_H-M   ? 
_symmetry.cell_setting                     ? 
_symmetry.Int_Tables_number                155 
# 
_exptl.entry_id          1HIG 
_exptl.method            'X-RAY DIFFRACTION' 
_exptl.crystals_number   ? 
# 
_exptl_crystal.id                    1 
_exptl_crystal.density_meas          ? 
_exptl_crystal.density_Matthews      3.04 
_exptl_crystal.density_percent_sol   59.51 
_exptl_crystal.description           ? 
# 
_diffrn.id                     1 
_diffrn.ambient_temp           ? 
_diffrn.ambient_temp_details   ? 
_diffrn.crystal_id             1 
# 
_diffrn_radiation.diffrn_id                        1 
_diffrn_radiation.wavelength_id                    1 
_diffrn_radiation.pdbx_monochromatic_or_laue_m_l   ? 
_diffrn_radiation.monochromator                    ? 
_diffrn_radiation.pdbx_diffrn_protocol             ? 
_diffrn_radiation.pdbx_scattering_type             x-ray 
# 
_diffrn_radiation_wavelength.id           1 
_diffrn_radiation_wavelength.wavelength   . 
_diffrn_radiation_wavelength.wt           1.0 
# 
_refine.entry_id                                 1HIG 
_refine.ls_number_reflns_obs                     13192 
_refine.ls_number_reflns_all                     ? 
_refine.pdbx_ls_sigma_I                          ? 
_refine.pdbx_ls_sigma_F                          ? 
_refine.pdbx_data_cutoff_high_absF               ? 
_refine.pdbx_data_cutoff_low_absF                ? 
_refine.pdbx_data_cutoff_high_rms_absF           ? 
_refine.ls_d_res_low                             6.00 
_refine.ls_d_res_high                            3.5 
_refine.ls_percent_reflns_obs                    ? 
_refine.ls_R_factor_obs                          ? 
_refine.ls_R_factor_all                          ? 
_refine.ls_R_factor_R_work                       0.2500000 
_refine.ls_R_factor_R_free                       ? 
_refine.ls_R_factor_R_free_error                 ? 
_refine.ls_R_factor_R_free_error_details         ? 
_refine.ls_percent_reflns_R_free                 ? 
_refine.ls_number_reflns_R_free                  ? 
_refine.ls_number_parameters                     ? 
_refine.ls_number_restraints                     ? 
_refine.occupancy_min                            ? 
_refine.occupancy_max                            ? 
_refine.B_iso_mean                               ? 
_refine.aniso_B[1][1]                            ? 
_refine.aniso_B[2][2]                            ? 
_refine.aniso_B[3][3]                            ? 
_refine.aniso_B[1][2]                            ? 
_refine.aniso_B[1][3]                            ? 
_refine.aniso_B[2][3]                            ? 
_refine.solvent_model_details                    ? 
_refine.solvent_model_param_ksol                 ? 
_refine.solvent_model_param_bsol                 ? 
_refine.pdbx_ls_cross_valid_method               ? 
_refine.details                                  ? 
_refine.pdbx_starting_model                      ? 
_refine.pdbx_method_to_determine_struct          ? 
_refine.pdbx_isotropic_thermal_model             ? 
_refine.pdbx_stereochemistry_target_values       ? 
_refine.pdbx_stereochem_target_val_spec_case     ? 
_refine.pdbx_R_Free_selection_details            ? 
_refine.pdbx_overall_ESU_R                       ? 
_refine.pdbx_overall_ESU_R_Free                  ? 
_refine.overall_SU_ML                            ? 
_refine.overall_SU_B                             ? 
_refine.pdbx_refine_id                           'X-RAY DIFFRACTION' 
_refine.pdbx_diffrn_id                           1 
_refine.pdbx_TLS_residual_ADP_flag               ? 
_refine.correlation_coeff_Fo_to_Fc               ? 
_refine.correlation_coeff_Fo_to_Fc_free          ? 
_refine.pdbx_solvent_vdw_probe_radii             ? 
_refine.pdbx_solvent_ion_probe_radii             ? 
_refine.pdbx_solvent_shrinkage_radii             ? 
_refine.pdbx_overall_phase_error                 ? 
_refine.overall_SU_R_Cruickshank_DPI             ? 
_refine.pdbx_overall_SU_R_free_Cruickshank_DPI   ? 
_refine.pdbx_overall_SU_R_Blow_DPI               ? 
_refine.pdbx_overall_SU_R_free_Blow_DPI          ? 
# 
_refine_hist.pdbx_refine_id                   'X-RAY DIFFRACTION' 
_refine_hist.cycle_id                         LAST 
_refine_hist.pdbx_number_atoms_protein        492 
_refine_hist.pdbx_number_atoms_nucleic_acid   0 
_refine_hist.pdbx_number_atoms_ligand         0 
_refine_hist.number_atoms_solvent             0 
_refine_hist.number_atoms_total               492 
_refine_hist.d_res_high                       3.5 
_refine_hist.d_res_low                        6.00 
# 
loop_
_refine_ls_restr.type 
_refine_ls_restr.dev_ideal 
_refine_ls_restr.dev_ideal_target 
_refine_ls_restr.weight 
_refine_ls_restr.number 
_refine_ls_restr.pdbx_refine_id 
_refine_ls_restr.pdbx_restraint_function 
x_bond_d    0.022 ? ? ? 'X-RAY DIFFRACTION' ? 
x_angle_deg 4.74  ? ? ? 'X-RAY DIFFRACTION' ? 
# 
loop_
_struct_ncs_oper.id 
_struct_ncs_oper.code 
_struct_ncs_oper.details 
_struct_ncs_oper.matrix[1][1] 
_struct_ncs_oper.matrix[1][2] 
_struct_ncs_oper.matrix[1][3] 
_struct_ncs_oper.matrix[2][1] 
_struct_ncs_oper.matrix[2][2] 
_struct_ncs_oper.matrix[2][3] 
_struct_ncs_oper.matrix[3][1] 
_struct_ncs_oper.matrix[3][2] 
_struct_ncs_oper.matrix[3][3] 
_struct_ncs_oper.vector[1] 
_struct_ncs_oper.vector[2] 
_struct_ncs_oper.vector[3] 
1 given ? 0.56483403  -0.48242964 -0.66949498 -0.48096500 -0.85171916 0.20796085  -0.67054791 0.20454048  -0.71311188 -0.01945 0.03596  0.14919  
2 given ? -0.60214915 0.65032844  0.46313099  0.64943492  0.06156902  0.75792055  0.46438256  0.75715424  -0.45941986 0.12822  -0.18056 -0.04279 
3 given ? -0.96622781 -0.15761979 0.20386151  -0.16763315 -0.21637069 -0.96181201 0.19570996  -0.96350348 0.18264150  0.19379  -0.06099 -0.07531 
# 
_struct.entry_id                  1HIG 
_struct.title                     'THREE-DIMENSIONAL STRUCTURE OF RECOMBINANT HUMAN INTERFERON-GAMMA.' 
_struct.pdbx_model_details        ? 
_struct.pdbx_CASP_flag            ? 
_struct.pdbx_model_type_details   ? 
# 
_struct_keywords.entry_id        1HIG 
_struct_keywords.pdbx_keywords   GLYCOPROTEIN 
_struct_keywords.text            GLYCOPROTEIN 
# 
loop_
_struct_asym.id 
_struct_asym.pdbx_blank_PDB_chainid_flag 
_struct_asym.pdbx_modified 
_struct_asym.entity_id 
_struct_asym.details 
A N N 1 ? 
B N N 1 ? 
C N N 1 ? 
D N N 1 ? 
# 
_struct_ref.id                         1 
_struct_ref.db_name                    UNP 
_struct_ref.db_code                    IFNG_HUMAN 
_struct_ref.entity_id                  1 
_struct_ref.pdbx_db_accession          P01579 
_struct_ref.pdbx_align_begin           1 
_struct_ref.pdbx_seq_one_letter_code   
;MKYTSYILAFQLCIVLGSLGCYCQDPYVKEAENLKKYFNAGHSDVADNGTLFLGILKNWKEESDRKIMQSQIVSFYFKLF
KNFKDDQSIQKSVETIKEDMNVKFFNSNKKKRDDFEKLTNYSVTDLNVQRKAIHELIQVMAELSPAAKTGKRKRSQMLFR
GRRASQ
;
_struct_ref.pdbx_db_isoform            ? 
# 
loop_
_struct_ref_seq.align_id 
_struct_ref_seq.ref_id 
_struct_ref_seq.pdbx_PDB_id_code 
_struct_ref_seq.pdbx_strand_id 
_struct_ref_seq.seq_align_beg 
_struct_ref_seq.pdbx_seq_align_beg_ins_code 
_struct_ref_seq.seq_align_end 
_struct_ref_seq.pdbx_seq_align_end_ins_code 
_struct_ref_seq.pdbx_db_accession 
_struct_ref_seq.db_align_beg 
_struct_ref_seq.pdbx_db_align_beg_ins_code 
_struct_ref_seq.db_align_end 
_struct_ref_seq.pdbx_db_align_end_ins_code 
_struct_ref_seq.pdbx_auth_seq_align_beg 
_struct_ref_seq.pdbx_auth_seq_align_end 
1 1 1HIG A 1 ? 138 ? P01579 24 ? 161 ? 1 138 
2 1 1HIG B 1 ? 138 ? P01579 24 ? 161 ? 1 138 
3 1 1HIG C 1 ? 138 ? P01579 24 ? 161 ? 1 138 
4 1 1HIG D 1 ? 138 ? P01579 24 ? 161 ? 1 138 
# 
_pdbx_struct_assembly.id                   1 
_pdbx_struct_assembly.details              author_defined_assembly 
_pdbx_struct_assembly.method_details       ? 
_pdbx_struct_assembly.oligomeric_details   tetrameric 
_pdbx_struct_assembly.oligomeric_count     4 
# 
_pdbx_struct_assembly_gen.assembly_id       1 
_pdbx_struct_assembly_gen.oper_expression   1 
_pdbx_struct_assembly_gen.asym_id_list      A,B,C,D 
# 
_pdbx_struct_oper_list.id                   1 
_pdbx_struct_oper_list.type                 'identity operation' 
_pdbx_struct_oper_list.name                 1_555 
_pdbx_struct_oper_list.symmetry_operation   x,y,z 
_pdbx_struct_oper_list.matrix[1][1]         1.0000000000 
_pdbx_struct_oper_list.matrix[1][2]         0.0000000000 
_pdbx_struct_oper_list.matrix[1][3]         0.0000000000 
_pdbx_struct_oper_list.vector[1]            0.0000000000 
_pdbx_struct_oper_list.matrix[2][1]         0.0000000000 
_pdbx_struct_oper_list.matrix[2][2]         1.0000000000 
_pdbx_struct_oper_list.matrix[2][3]         0.0000000000 
_pdbx_struct_oper_list.vector[2]            0.0000000000 
_pdbx_struct_oper_list.matrix[3][1]         0.0000000000 
_pdbx_struct_oper_list.matrix[3][2]         0.0000000000 
_pdbx_struct_oper_list.matrix[3][3]         1.0000000000 
_pdbx_struct_oper_list.vector[3]            0.0000000000 
# 
_struct_biol.id                    1 
_struct_biol.details               
;THE TRANSFORMATION GIVEN ON THE FIRST SET OF *MTRIX*
RECORDS BELOW WILL YIELD APPROXIMATE COORDINATES FOR
CHAIN *B* WHEN APPLIED TO CHAIN *A*.  THIS CORRESPONDS TO
A ROTATION ANGLE OF 179.8892 DEGREES ABOUT AN AXIS PARALLEL
TO (0.6776,0.3150,-0.6646).
THE TRANSFORMATION GIVEN ON THE SECOND SET OF *MTRIX*
RECORDS BELOW WILL YIELD APPROXIMATE COORDINATES FOR
CHAIN *C* WHEN APPLIED TO CHAIN *A*.  THIS CORRESPONDS TO
A ROTATION ANGLE OF 179.9508 DEGREES ABOUT AN AXIS PARALLEL
TO (0.1308,0.8370,0.5313).
THE TRANSFORMATION GIVEN ON THE THIRD SET OF *MTRIX*
RECORDS BELOW WILL YIELD APPROXIMATE COORDINATES FOR
CHAIN *D* WHEN APPLIED TO CHAIN *A*.  THIS CORRESPONDS TO
A ROTATION ANGLE OF 179.6269 DEGREES ABOUT AN AXIS PARALLEL
TO (0.7199,-0.4474,0.5307).
;
_struct_biol.pdbx_parent_biol_id   ? 
# 
loop_
_struct_conf.conf_type_id 
_struct_conf.id 
_struct_conf.pdbx_PDB_helix_id 
_struct_conf.beg_label_comp_id 
_struct_conf.beg_label_asym_id 
_struct_conf.beg_label_seq_id 
_struct_conf.pdbx_beg_PDB_ins_code 
_struct_conf.end_label_comp_id 
_struct_conf.end_label_asym_id 
_struct_conf.end_label_seq_id 
_struct_conf.pdbx_end_PDB_ins_code 
_struct_conf.beg_auth_comp_id 
_struct_conf.beg_auth_asym_id 
_struct_conf.beg_auth_seq_id 
_struct_conf.end_auth_comp_id 
_struct_conf.end_auth_asym_id 
_struct_conf.end_auth_seq_id 
_struct_conf.pdbx_PDB_helix_class 
_struct_conf.details 
_struct_conf.pdbx_PDB_helix_length 
HELX_P HELX_P1  A1 TYR A 4   ? PHE A 15  ? TYR A 4   PHE A 15  1 ?                                12 
HELX_P HELX_P2  A2 LEU A 30  ? LYS A 34  ? LEU A 30  LYS A 34  1 ?                                5  
HELX_P HELX_P3  A3 GLU A 39  ? PHE A 60  ? GLU A 39  PHE A 60  1 ?                                22 
HELX_P HELX_P4  A4 GLN A 67  ? PHE A 82  ? GLN A 67  PHE A 82  1 ?                                16 
HELX_P HELX_P5  A5 LYS A 34  ? THR A 96  ? LYS A 34  THR A 96  1 ?                                63 
HELX_P HELX_P6  A6 LEU A 103 ? GLU A 119 ? LEU A 103 GLU A 119 1 'APPR. 60 DEG BEND AT RES A 112' 17 
HELX_P HELX_P7  A1 TYR B 4   ? PHE B 15  ? TYR B 4   PHE B 15  1 ?                                12 
HELX_P HELX_P8  A2 LEU B 30  ? LYS B 34  ? LEU B 30  LYS B 34  1 ?                                5  
HELX_P HELX_P9  A3 GLU B 39  ? PHE B 60  ? GLU B 39  PHE B 60  1 ?                                22 
HELX_P HELX_P10 A4 GLN B 67  ? PHE B 82  ? GLN B 67  PHE B 82  1 ?                                16 
HELX_P HELX_P11 A5 LYS B 34  ? THR B 96  ? LYS B 34  THR B 96  1 ?                                63 
HELX_P HELX_P12 A6 LEU B 103 ? GLU B 119 ? LEU B 103 GLU B 119 1 'APPR. 60 DEG BEND AT RES B 112' 17 
HELX_P HELX_P13 A1 TYR C 4   ? PHE C 15  ? TYR C 4   PHE C 15  1 ?                                12 
HELX_P HELX_P14 A2 LEU C 30  ? LYS C 34  ? LEU C 30  LYS C 34  1 ?                                5  
HELX_P HELX_P15 A3 GLU C 39  ? PHE C 60  ? GLU C 39  PHE C 60  1 ?                                22 
HELX_P HELX_P16 A4 GLN C 67  ? PHE C 82  ? GLN C 67  PHE C 82  1 ?                                16 
HELX_P HELX_P17 A5 LYS C 34  ? THR C 96  ? LYS C 34  THR C 96  1 ?                                63 
HELX_P HELX_P18 A6 LEU C 103 ? GLU C 119 ? LEU C 103 GLU C 119 1 'APPR. 60 DEG BEND AT RES C 112' 17 
HELX_P HELX_P19 A1 TYR D 4   ? PHE D 15  ? TYR D 4   PHE D 15  1 ?                                12 
HELX_P HELX_P20 A2 LEU D 30  ? LYS D 34  ? LEU D 30  LYS D 34  1 ?                                5  
HELX_P HELX_P21 A3 GLU D 39  ? PHE D 60  ? GLU D 39  PHE D 60  1 ?                                22 
HELX_P HELX_P22 A4 GLN D 67  ? PHE D 82  ? GLN D 67  PHE D 82  1 ?                                16 
HELX_P HELX_P23 A5 LYS D 34  ? THR D 96  ? LYS D 34  THR D 96  1 ?                                63 
HELX_P HELX_P24 A6 LEU D 103 ? GLU D 119 ? LEU D 103 GLU D 119 1 'APPR. 60 DEG BEND AT RES D 112' 17 
# 
_struct_conf_type.id          HELX_P 
_struct_conf_type.criteria    ? 
_struct_conf_type.reference   ? 
# 
loop_
_pdbx_unobs_or_zero_occ_residues.id 
_pdbx_unobs_or_zero_occ_residues.PDB_model_num 
_pdbx_unobs_or_zero_occ_residues.polymer_flag 
_pdbx_unobs_or_zero_occ_residues.occupancy_flag 
_pdbx_unobs_or_zero_occ_residues.auth_asym_id 
_pdbx_unobs_or_zero_occ_residues.auth_comp_id 
_pdbx_unobs_or_zero_occ_residues.auth_seq_id 
_pdbx_unobs_or_zero_occ_residues.PDB_ins_code 
_pdbx_unobs_or_zero_occ_residues.label_asym_id 
_pdbx_unobs_or_zero_occ_residues.label_comp_id 
_pdbx_unobs_or_zero_occ_residues.label_seq_id 
1  1 Y 1 A ALA 124 ? A ALA 124 
2  1 Y 1 A LYS 125 ? A LYS 125 
3  1 Y 1 A THR 126 ? A THR 126 
4  1 Y 1 A GLY 127 ? A GLY 127 
5  1 Y 1 A LYS 128 ? A LYS 128 
6  1 Y 1 A ARG 129 ? A ARG 129 
7  1 Y 1 A LYS 130 ? A LYS 130 
8  1 Y 1 A ARG 131 ? A ARG 131 
9  1 Y 1 A SER 132 ? A SER 132 
10 1 Y 1 A GLN 133 ? A GLN 133 
11 1 Y 1 A MET 134 ? A MET 134 
12 1 Y 1 A LEU 135 ? A LEU 135 
13 1 Y 1 A PHE 136 ? A PHE 136 
14 1 Y 1 A ARG 137 ? A ARG 137 
15 1 Y 1 A GLY 138 ? A GLY 138 
16 1 Y 1 B ALA 124 ? B ALA 124 
17 1 Y 1 B LYS 125 ? B LYS 125 
18 1 Y 1 B THR 126 ? B THR 126 
19 1 Y 1 B GLY 127 ? B GLY 127 
20 1 Y 1 B LYS 128 ? B LYS 128 
21 1 Y 1 B ARG 129 ? B ARG 129 
22 1 Y 1 B LYS 130 ? B LYS 130 
23 1 Y 1 B ARG 131 ? B ARG 131 
24 1 Y 1 B SER 132 ? B SER 132 
25 1 Y 1 B GLN 133 ? B GLN 133 
26 1 Y 1 B MET 134 ? B MET 134 
27 1 Y 1 B LEU 135 ? B LEU 135 
28 1 Y 1 B PHE 136 ? B PHE 136 
29 1 Y 1 B ARG 137 ? B ARG 137 
30 1 Y 1 B GLY 138 ? B GLY 138 
31 1 Y 1 C ALA 124 ? C ALA 124 
32 1 Y 1 C LYS 125 ? C LYS 125 
33 1 Y 1 C THR 126 ? C THR 126 
34 1 Y 1 C GLY 127 ? C GLY 127 
35 1 Y 1 C LYS 128 ? C LYS 128 
36 1 Y 1 C ARG 129 ? C ARG 129 
37 1 Y 1 C LYS 130 ? C LYS 130 
38 1 Y 1 C ARG 131 ? C ARG 131 
39 1 Y 1 C SER 132 ? C SER 132 
40 1 Y 1 C GLN 133 ? C GLN 133 
41 1 Y 1 C MET 134 ? C MET 134 
42 1 Y 1 C LEU 135 ? C LEU 135 
43 1 Y 1 C PHE 136 ? C PHE 136 
44 1 Y 1 C ARG 137 ? C ARG 137 
45 1 Y 1 C GLY 138 ? C GLY 138 
46 1 Y 1 D ALA 124 ? D ALA 124 
47 1 Y 1 D LYS 125 ? D LYS 125 
48 1 Y 1 D THR 126 ? D THR 126 
49 1 Y 1 D GLY 127 ? D GLY 127 
50 1 Y 1 D LYS 128 ? D LYS 128 
51 1 Y 1 D ARG 129 ? D ARG 129 
52 1 Y 1 D LYS 130 ? D LYS 130 
53 1 Y 1 D ARG 131 ? D ARG 131 
54 1 Y 1 D SER 132 ? D SER 132 
55 1 Y 1 D GLN 133 ? D GLN 133 
56 1 Y 1 D MET 134 ? D MET 134 
57 1 Y 1 D LEU 135 ? D LEU 135 
58 1 Y 1 D PHE 136 ? D PHE 136 
59 1 Y 1 D ARG 137 ? D ARG 137 
60 1 Y 1 D GLY 138 ? D GLY 138 
# 
loop_
_chem_comp_atom.comp_id 
_chem_comp_atom.atom_id 
_chem_comp_atom.type_symbol 
_chem_comp_atom.pdbx_aromatic_flag 
_chem_comp_atom.pdbx_stereo_config 
_chem_comp_atom.pdbx_ordinal 
ALA N    N N N 1   
ALA CA   C N S 2   
ALA C    C N N 3   
ALA O    O N N 4   
ALA CB   C N N 5   
ALA OXT  O N N 6   
ALA H    H N N 7   
ALA H2   H N N 8   
ALA HA   H N N 9   
ALA HB1  H N N 10  
ALA HB2  H N N 11  
ALA HB3  H N N 12  
ALA HXT  H N N 13  
ARG N    N N N 14  
ARG CA   C N S 15  
ARG C    C N N 16  
ARG O    O N N 17  
ARG CB   C N N 18  
ARG CG   C N N 19  
ARG CD   C N N 20  
ARG NE   N N N 21  
ARG CZ   C N N 22  
ARG NH1  N N N 23  
ARG NH2  N N N 24  
ARG OXT  O N N 25  
ARG H    H N N 26  
ARG H2   H N N 27  
ARG HA   H N N 28  
ARG HB2  H N N 29  
ARG HB3  H N N 30  
ARG HG2  H N N 31  
ARG HG3  H N N 32  
ARG HD2  H N N 33  
ARG HD3  H N N 34  
ARG HE   H N N 35  
ARG HH11 H N N 36  
ARG HH12 H N N 37  
ARG HH21 H N N 38  
ARG HH22 H N N 39  
ARG HXT  H N N 40  
ASN N    N N N 41  
ASN CA   C N S 42  
ASN C    C N N 43  
ASN O    O N N 44  
ASN CB   C N N 45  
ASN CG   C N N 46  
ASN OD1  O N N 47  
ASN ND2  N N N 48  
ASN OXT  O N N 49  
ASN H    H N N 50  
ASN H2   H N N 51  
ASN HA   H N N 52  
ASN HB2  H N N 53  
ASN HB3  H N N 54  
ASN HD21 H N N 55  
ASN HD22 H N N 56  
ASN HXT  H N N 57  
ASP N    N N N 58  
ASP CA   C N S 59  
ASP C    C N N 60  
ASP O    O N N 61  
ASP CB   C N N 62  
ASP CG   C N N 63  
ASP OD1  O N N 64  
ASP OD2  O N N 65  
ASP OXT  O N N 66  
ASP H    H N N 67  
ASP H2   H N N 68  
ASP HA   H N N 69  
ASP HB2  H N N 70  
ASP HB3  H N N 71  
ASP HD2  H N N 72  
ASP HXT  H N N 73  
GLN N    N N N 74  
GLN CA   C N S 75  
GLN C    C N N 76  
GLN O    O N N 77  
GLN CB   C N N 78  
GLN CG   C N N 79  
GLN CD   C N N 80  
GLN OE1  O N N 81  
GLN NE2  N N N 82  
GLN OXT  O N N 83  
GLN H    H N N 84  
GLN H2   H N N 85  
GLN HA   H N N 86  
GLN HB2  H N N 87  
GLN HB3  H N N 88  
GLN HG2  H N N 89  
GLN HG3  H N N 90  
GLN HE21 H N N 91  
GLN HE22 H N N 92  
GLN HXT  H N N 93  
GLU N    N N N 94  
GLU CA   C N S 95  
GLU C    C N N 96  
GLU O    O N N 97  
GLU CB   C N N 98  
GLU CG   C N N 99  
GLU CD   C N N 100 
GLU OE1  O N N 101 
GLU OE2  O N N 102 
GLU OXT  O N N 103 
GLU H    H N N 104 
GLU H2   H N N 105 
GLU HA   H N N 106 
GLU HB2  H N N 107 
GLU HB3  H N N 108 
GLU HG2  H N N 109 
GLU HG3  H N N 110 
GLU HE2  H N N 111 
GLU HXT  H N N 112 
GLY N    N N N 113 
GLY CA   C N N 114 
GLY C    C N N 115 
GLY O    O N N 116 
GLY OXT  O N N 117 
GLY H    H N N 118 
GLY H2   H N N 119 
GLY HA2  H N N 120 
GLY HA3  H N N 121 
GLY HXT  H N N 122 
HIS N    N N N 123 
HIS CA   C N S 124 
HIS C    C N N 125 
HIS O    O N N 126 
HIS CB   C N N 127 
HIS CG   C Y N 128 
HIS ND1  N Y N 129 
HIS CD2  C Y N 130 
HIS CE1  C Y N 131 
HIS NE2  N Y N 132 
HIS OXT  O N N 133 
HIS H    H N N 134 
HIS H2   H N N 135 
HIS HA   H N N 136 
HIS HB2  H N N 137 
HIS HB3  H N N 138 
HIS HD1  H N N 139 
HIS HD2  H N N 140 
HIS HE1  H N N 141 
HIS HE2  H N N 142 
HIS HXT  H N N 143 
ILE N    N N N 144 
ILE CA   C N S 145 
ILE C    C N N 146 
ILE O    O N N 147 
ILE CB   C N S 148 
ILE CG1  C N N 149 
ILE CG2  C N N 150 
ILE CD1  C N N 151 
ILE OXT  O N N 152 
ILE H    H N N 153 
ILE H2   H N N 154 
ILE HA   H N N 155 
ILE HB   H N N 156 
ILE HG12 H N N 157 
ILE HG13 H N N 158 
ILE HG21 H N N 159 
ILE HG22 H N N 160 
ILE HG23 H N N 161 
ILE HD11 H N N 162 
ILE HD12 H N N 163 
ILE HD13 H N N 164 
ILE HXT  H N N 165 
LEU N    N N N 166 
LEU CA   C N S 167 
LEU C    C N N 168 
LEU O    O N N 169 
LEU CB   C N N 170 
LEU CG   C N N 171 
LEU CD1  C N N 172 
LEU CD2  C N N 173 
LEU OXT  O N N 174 
LEU H    H N N 175 
LEU H2   H N N 176 
LEU HA   H N N 177 
LEU HB2  H N N 178 
LEU HB3  H N N 179 
LEU HG   H N N 180 
LEU HD11 H N N 181 
LEU HD12 H N N 182 
LEU HD13 H N N 183 
LEU HD21 H N N 184 
LEU HD22 H N N 185 
LEU HD23 H N N 186 
LEU HXT  H N N 187 
LYS N    N N N 188 
LYS CA   C N S 189 
LYS C    C N N 190 
LYS O    O N N 191 
LYS CB   C N N 192 
LYS CG   C N N 193 
LYS CD   C N N 194 
LYS CE   C N N 195 
LYS NZ   N N N 196 
LYS OXT  O N N 197 
LYS H    H N N 198 
LYS H2   H N N 199 
LYS HA   H N N 200 
LYS HB2  H N N 201 
LYS HB3  H N N 202 
LYS HG2  H N N 203 
LYS HG3  H N N 204 
LYS HD2  H N N 205 
LYS HD3  H N N 206 
LYS HE2  H N N 207 
LYS HE3  H N N 208 
LYS HZ1  H N N 209 
LYS HZ2  H N N 210 
LYS HZ3  H N N 211 
LYS HXT  H N N 212 
MET N    N N N 213 
MET CA   C N S 214 
MET C    C N N 215 
MET O    O N N 216 
MET CB   C N N 217 
MET CG   C N N 218 
MET SD   S N N 219 
MET CE   C N N 220 
MET OXT  O N N 221 
MET H    H N N 222 
MET H2   H N N 223 
MET HA   H N N 224 
MET HB2  H N N 225 
MET HB3  H N N 226 
MET HG2  H N N 227 
MET HG3  H N N 228 
MET HE1  H N N 229 
MET HE2  H N N 230 
MET HE3  H N N 231 
MET HXT  H N N 232 
PHE N    N N N 233 
PHE CA   C N S 234 
PHE C    C N N 235 
PHE O    O N N 236 
PHE CB   C N N 237 
PHE CG   C Y N 238 
PHE CD1  C Y N 239 
PHE CD2  C Y N 240 
PHE CE1  C Y N 241 
PHE CE2  C Y N 242 
PHE CZ   C Y N 243 
PHE OXT  O N N 244 
PHE H    H N N 245 
PHE H2   H N N 246 
PHE HA   H N N 247 
PHE HB2  H N N 248 
PHE HB3  H N N 249 
PHE HD1  H N N 250 
PHE HD2  H N N 251 
PHE HE1  H N N 252 
PHE HE2  H N N 253 
PHE HZ   H N N 254 
PHE HXT  H N N 255 
PRO N    N N N 256 
PRO CA   C N S 257 
PRO C    C N N 258 
PRO O    O N N 259 
PRO CB   C N N 260 
PRO CG   C N N 261 
PRO CD   C N N 262 
PRO OXT  O N N 263 
PRO H    H N N 264 
PRO HA   H N N 265 
PRO HB2  H N N 266 
PRO HB3  H N N 267 
PRO HG2  H N N 268 
PRO HG3  H N N 269 
PRO HD2  H N N 270 
PRO HD3  H N N 271 
PRO HXT  H N N 272 
SER N    N N N 273 
SER CA   C N S 274 
SER C    C N N 275 
SER O    O N N 276 
SER CB   C N N 277 
SER OG   O N N 278 
SER OXT  O N N 279 
SER H    H N N 280 
SER H2   H N N 281 
SER HA   H N N 282 
SER HB2  H N N 283 
SER HB3  H N N 284 
SER HG   H N N 285 
SER HXT  H N N 286 
THR N    N N N 287 
THR CA   C N S 288 
THR C    C N N 289 
THR O    O N N 290 
THR CB   C N R 291 
THR OG1  O N N 292 
THR CG2  C N N 293 
THR OXT  O N N 294 
THR H    H N N 295 
THR H2   H N N 296 
THR HA   H N N 297 
THR HB   H N N 298 
THR HG1  H N N 299 
THR HG21 H N N 300 
THR HG22 H N N 301 
THR HG23 H N N 302 
THR HXT  H N N 303 
TRP N    N N N 304 
TRP CA   C N S 305 
TRP C    C N N 306 
TRP O    O N N 307 
TRP CB   C N N 308 
TRP CG   C Y N 309 
TRP CD1  C Y N 310 
TRP CD2  C Y N 311 
TRP NE1  N Y N 312 
TRP CE2  C Y N 313 
TRP CE3  C Y N 314 
TRP CZ2  C Y N 315 
TRP CZ3  C Y N 316 
TRP CH2  C Y N 317 
TRP OXT  O N N 318 
TRP H    H N N 319 
TRP H2   H N N 320 
TRP HA   H N N 321 
TRP HB2  H N N 322 
TRP HB3  H N N 323 
TRP HD1  H N N 324 
TRP HE1  H N N 325 
TRP HE3  H N N 326 
TRP HZ2  H N N 327 
TRP HZ3  H N N 328 
TRP HH2  H N N 329 
TRP HXT  H N N 330 
TYR N    N N N 331 
TYR CA   C N S 332 
TYR C    C N N 333 
TYR O    O N N 334 
TYR CB   C N N 335 
TYR CG   C Y N 336 
TYR CD1  C Y N 337 
TYR CD2  C Y N 338 
TYR CE1  C Y N 339 
TYR CE2  C Y N 340 
TYR CZ   C Y N 341 
TYR OH   O N N 342 
TYR OXT  O N N 343 
TYR H    H N N 344 
TYR H2   H N N 345 
TYR HA   H N N 346 
TYR HB2  H N N 347 
TYR HB3  H N N 348 
TYR HD1  H N N 349 
TYR HD2  H N N 350 
TYR HE1  H N N 351 
TYR HE2  H N N 352 
TYR HH   H N N 353 
TYR HXT  H N N 354 
VAL N    N N N 355 
VAL CA   C N S 356 
VAL C    C N N 357 
VAL O    O N N 358 
VAL CB   C N N 359 
VAL CG1  C N N 360 
VAL CG2  C N N 361 
VAL OXT  O N N 362 
VAL H    H N N 363 
VAL H2   H N N 364 
VAL HA   H N N 365 
VAL HB   H N N 366 
VAL HG11 H N N 367 
VAL HG12 H N N 368 
VAL HG13 H N N 369 
VAL HG21 H N N 370 
VAL HG22 H N N 371 
VAL HG23 H N N 372 
VAL HXT  H N N 373 
# 
loop_
_chem_comp_bond.comp_id 
_chem_comp_bond.atom_id_1 
_chem_comp_bond.atom_id_2 
_chem_comp_bond.value_order 
_chem_comp_bond.pdbx_aromatic_flag 
_chem_comp_bond.pdbx_stereo_config 
_chem_comp_bond.pdbx_ordinal 
ALA N   CA   sing N N 1   
ALA N   H    sing N N 2   
ALA N   H2   sing N N 3   
ALA CA  C    sing N N 4   
ALA CA  CB   sing N N 5   
ALA CA  HA   sing N N 6   
ALA C   O    doub N N 7   
ALA C   OXT  sing N N 8   
ALA CB  HB1  sing N N 9   
ALA CB  HB2  sing N N 10  
ALA CB  HB3  sing N N 11  
ALA OXT HXT  sing N N 12  
ARG N   CA   sing N N 13  
ARG N   H    sing N N 14  
ARG N   H2   sing N N 15  
ARG CA  C    sing N N 16  
ARG CA  CB   sing N N 17  
ARG CA  HA   sing N N 18  
ARG C   O    doub N N 19  
ARG C   OXT  sing N N 20  
ARG CB  CG   sing N N 21  
ARG CB  HB2  sing N N 22  
ARG CB  HB3  sing N N 23  
ARG CG  CD   sing N N 24  
ARG CG  HG2  sing N N 25  
ARG CG  HG3  sing N N 26  
ARG CD  NE   sing N N 27  
ARG CD  HD2  sing N N 28  
ARG CD  HD3  sing N N 29  
ARG NE  CZ   sing N N 30  
ARG NE  HE   sing N N 31  
ARG CZ  NH1  sing N N 32  
ARG CZ  NH2  doub N N 33  
ARG NH1 HH11 sing N N 34  
ARG NH1 HH12 sing N N 35  
ARG NH2 HH21 sing N N 36  
ARG NH2 HH22 sing N N 37  
ARG OXT HXT  sing N N 38  
ASN N   CA   sing N N 39  
ASN N   H    sing N N 40  
ASN N   H2   sing N N 41  
ASN CA  C    sing N N 42  
ASN CA  CB   sing N N 43  
ASN CA  HA   sing N N 44  
ASN C   O    doub N N 45  
ASN C   OXT  sing N N 46  
ASN CB  CG   sing N N 47  
ASN CB  HB2  sing N N 48  
ASN CB  HB3  sing N N 49  
ASN CG  OD1  doub N N 50  
ASN CG  ND2  sing N N 51  
ASN ND2 HD21 sing N N 52  
ASN ND2 HD22 sing N N 53  
ASN OXT HXT  sing N N 54  
ASP N   CA   sing N N 55  
ASP N   H    sing N N 56  
ASP N   H2   sing N N 57  
ASP CA  C    sing N N 58  
ASP CA  CB   sing N N 59  
ASP CA  HA   sing N N 60  
ASP C   O    doub N N 61  
ASP C   OXT  sing N N 62  
ASP CB  CG   sing N N 63  
ASP CB  HB2  sing N N 64  
ASP CB  HB3  sing N N 65  
ASP CG  OD1  doub N N 66  
ASP CG  OD2  sing N N 67  
ASP OD2 HD2  sing N N 68  
ASP OXT HXT  sing N N 69  
GLN N   CA   sing N N 70  
GLN N   H    sing N N 71  
GLN N   H2   sing N N 72  
GLN CA  C    sing N N 73  
GLN CA  CB   sing N N 74  
GLN CA  HA   sing N N 75  
GLN C   O    doub N N 76  
GLN C   OXT  sing N N 77  
GLN CB  CG   sing N N 78  
GLN CB  HB2  sing N N 79  
GLN CB  HB3  sing N N 80  
GLN CG  CD   sing N N 81  
GLN CG  HG2  sing N N 82  
GLN CG  HG3  sing N N 83  
GLN CD  OE1  doub N N 84  
GLN CD  NE2  sing N N 85  
GLN NE2 HE21 sing N N 86  
GLN NE2 HE22 sing N N 87  
GLN OXT HXT  sing N N 88  
GLU N   CA   sing N N 89  
GLU N   H    sing N N 90  
GLU N   H2   sing N N 91  
GLU CA  C    sing N N 92  
GLU CA  CB   sing N N 93  
GLU CA  HA   sing N N 94  
GLU C   O    doub N N 95  
GLU C   OXT  sing N N 96  
GLU CB  CG   sing N N 97  
GLU CB  HB2  sing N N 98  
GLU CB  HB3  sing N N 99  
GLU CG  CD   sing N N 100 
GLU CG  HG2  sing N N 101 
GLU CG  HG3  sing N N 102 
GLU CD  OE1  doub N N 103 
GLU CD  OE2  sing N N 104 
GLU OE2 HE2  sing N N 105 
GLU OXT HXT  sing N N 106 
GLY N   CA   sing N N 107 
GLY N   H    sing N N 108 
GLY N   H2   sing N N 109 
GLY CA  C    sing N N 110 
GLY CA  HA2  sing N N 111 
GLY CA  HA3  sing N N 112 
GLY C   O    doub N N 113 
GLY C   OXT  sing N N 114 
GLY OXT HXT  sing N N 115 
HIS N   CA   sing N N 116 
HIS N   H    sing N N 117 
HIS N   H2   sing N N 118 
HIS CA  C    sing N N 119 
HIS CA  CB   sing N N 120 
HIS CA  HA   sing N N 121 
HIS C   O    doub N N 122 
HIS C   OXT  sing N N 123 
HIS CB  CG   sing N N 124 
HIS CB  HB2  sing N N 125 
HIS CB  HB3  sing N N 126 
HIS CG  ND1  sing Y N 127 
HIS CG  CD2  doub Y N 128 
HIS ND1 CE1  doub Y N 129 
HIS ND1 HD1  sing N N 130 
HIS CD2 NE2  sing Y N 131 
HIS CD2 HD2  sing N N 132 
HIS CE1 NE2  sing Y N 133 
HIS CE1 HE1  sing N N 134 
HIS NE2 HE2  sing N N 135 
HIS OXT HXT  sing N N 136 
ILE N   CA   sing N N 137 
ILE N   H    sing N N 138 
ILE N   H2   sing N N 139 
ILE CA  C    sing N N 140 
ILE CA  CB   sing N N 141 
ILE CA  HA   sing N N 142 
ILE C   O    doub N N 143 
ILE C   OXT  sing N N 144 
ILE CB  CG1  sing N N 145 
ILE CB  CG2  sing N N 146 
ILE CB  HB   sing N N 147 
ILE CG1 CD1  sing N N 148 
ILE CG1 HG12 sing N N 149 
ILE CG1 HG13 sing N N 150 
ILE CG2 HG21 sing N N 151 
ILE CG2 HG22 sing N N 152 
ILE CG2 HG23 sing N N 153 
ILE CD1 HD11 sing N N 154 
ILE CD1 HD12 sing N N 155 
ILE CD1 HD13 sing N N 156 
ILE OXT HXT  sing N N 157 
LEU N   CA   sing N N 158 
LEU N   H    sing N N 159 
LEU N   H2   sing N N 160 
LEU CA  C    sing N N 161 
LEU CA  CB   sing N N 162 
LEU CA  HA   sing N N 163 
LEU C   O    doub N N 164 
LEU C   OXT  sing N N 165 
LEU CB  CG   sing N N 166 
LEU CB  HB2  sing N N 167 
LEU CB  HB3  sing N N 168 
LEU CG  CD1  sing N N 169 
LEU CG  CD2  sing N N 170 
LEU CG  HG   sing N N 171 
LEU CD1 HD11 sing N N 172 
LEU CD1 HD12 sing N N 173 
LEU CD1 HD13 sing N N 174 
LEU CD2 HD21 sing N N 175 
LEU CD2 HD22 sing N N 176 
LEU CD2 HD23 sing N N 177 
LEU OXT HXT  sing N N 178 
LYS N   CA   sing N N 179 
LYS N   H    sing N N 180 
LYS N   H2   sing N N 181 
LYS CA  C    sing N N 182 
LYS CA  CB   sing N N 183 
LYS CA  HA   sing N N 184 
LYS C   O    doub N N 185 
LYS C   OXT  sing N N 186 
LYS CB  CG   sing N N 187 
LYS CB  HB2  sing N N 188 
LYS CB  HB3  sing N N 189 
LYS CG  CD   sing N N 190 
LYS CG  HG2  sing N N 191 
LYS CG  HG3  sing N N 192 
LYS CD  CE   sing N N 193 
LYS CD  HD2  sing N N 194 
LYS CD  HD3  sing N N 195 
LYS CE  NZ   sing N N 196 
LYS CE  HE2  sing N N 197 
LYS CE  HE3  sing N N 198 
LYS NZ  HZ1  sing N N 199 
LYS NZ  HZ2  sing N N 200 
LYS NZ  HZ3  sing N N 201 
LYS OXT HXT  sing N N 202 
MET N   CA   sing N N 203 
MET N   H    sing N N 204 
MET N   H2   sing N N 205 
MET CA  C    sing N N 206 
MET CA  CB   sing N N 207 
MET CA  HA   sing N N 208 
MET C   O    doub N N 209 
MET C   OXT  sing N N 210 
MET CB  CG   sing N N 211 
MET CB  HB2  sing N N 212 
MET CB  HB3  sing N N 213 
MET CG  SD   sing N N 214 
MET CG  HG2  sing N N 215 
MET CG  HG3  sing N N 216 
MET SD  CE   sing N N 217 
MET CE  HE1  sing N N 218 
MET CE  HE2  sing N N 219 
MET CE  HE3  sing N N 220 
MET OXT HXT  sing N N 221 
PHE N   CA   sing N N 222 
PHE N   H    sing N N 223 
PHE N   H2   sing N N 224 
PHE CA  C    sing N N 225 
PHE CA  CB   sing N N 226 
PHE CA  HA   sing N N 227 
PHE C   O    doub N N 228 
PHE C   OXT  sing N N 229 
PHE CB  CG   sing N N 230 
PHE CB  HB2  sing N N 231 
PHE CB  HB3  sing N N 232 
PHE CG  CD1  doub Y N 233 
PHE CG  CD2  sing Y N 234 
PHE CD1 CE1  sing Y N 235 
PHE CD1 HD1  sing N N 236 
PHE CD2 CE2  doub Y N 237 
PHE CD2 HD2  sing N N 238 
PHE CE1 CZ   doub Y N 239 
PHE CE1 HE1  sing N N 240 
PHE CE2 CZ   sing Y N 241 
PHE CE2 HE2  sing N N 242 
PHE CZ  HZ   sing N N 243 
PHE OXT HXT  sing N N 244 
PRO N   CA   sing N N 245 
PRO N   CD   sing N N 246 
PRO N   H    sing N N 247 
PRO CA  C    sing N N 248 
PRO CA  CB   sing N N 249 
PRO CA  HA   sing N N 250 
PRO C   O    doub N N 251 
PRO C   OXT  sing N N 252 
PRO CB  CG   sing N N 253 
PRO CB  HB2  sing N N 254 
PRO CB  HB3  sing N N 255 
PRO CG  CD   sing N N 256 
PRO CG  HG2  sing N N 257 
PRO CG  HG3  sing N N 258 
PRO CD  HD2  sing N N 259 
PRO CD  HD3  sing N N 260 
PRO OXT HXT  sing N N 261 
SER N   CA   sing N N 262 
SER N   H    sing N N 263 
SER N   H2   sing N N 264 
SER CA  C    sing N N 265 
SER CA  CB   sing N N 266 
SER CA  HA   sing N N 267 
SER C   O    doub N N 268 
SER C   OXT  sing N N 269 
SER CB  OG   sing N N 270 
SER CB  HB2  sing N N 271 
SER CB  HB3  sing N N 272 
SER OG  HG   sing N N 273 
SER OXT HXT  sing N N 274 
THR N   CA   sing N N 275 
THR N   H    sing N N 276 
THR N   H2   sing N N 277 
THR CA  C    sing N N 278 
THR CA  CB   sing N N 279 
THR CA  HA   sing N N 280 
THR C   O    doub N N 281 
THR C   OXT  sing N N 282 
THR CB  OG1  sing N N 283 
THR CB  CG2  sing N N 284 
THR CB  HB   sing N N 285 
THR OG1 HG1  sing N N 286 
THR CG2 HG21 sing N N 287 
THR CG2 HG22 sing N N 288 
THR CG2 HG23 sing N N 289 
THR OXT HXT  sing N N 290 
TRP N   CA   sing N N 291 
TRP N   H    sing N N 292 
TRP N   H2   sing N N 293 
TRP CA  C    sing N N 294 
TRP CA  CB   sing N N 295 
TRP CA  HA   sing N N 296 
TRP C   O    doub N N 297 
TRP C   OXT  sing N N 298 
TRP CB  CG   sing N N 299 
TRP CB  HB2  sing N N 300 
TRP CB  HB3  sing N N 301 
TRP CG  CD1  doub Y N 302 
TRP CG  CD2  sing Y N 303 
TRP CD1 NE1  sing Y N 304 
TRP CD1 HD1  sing N N 305 
TRP CD2 CE2  doub Y N 306 
TRP CD2 CE3  sing Y N 307 
TRP NE1 CE2  sing Y N 308 
TRP NE1 HE1  sing N N 309 
TRP CE2 CZ2  sing Y N 310 
TRP CE3 CZ3  doub Y N 311 
TRP CE3 HE3  sing N N 312 
TRP CZ2 CH2  doub Y N 313 
TRP CZ2 HZ2  sing N N 314 
TRP CZ3 CH2  sing Y N 315 
TRP CZ3 HZ3  sing N N 316 
TRP CH2 HH2  sing N N 317 
TRP OXT HXT  sing N N 318 
TYR N   CA   sing N N 319 
TYR N   H    sing N N 320 
TYR N   H2   sing N N 321 
TYR CA  C    sing N N 322 
TYR CA  CB   sing N N 323 
TYR CA  HA   sing N N 324 
TYR C   O    doub N N 325 
TYR C   OXT  sing N N 326 
TYR CB  CG   sing N N 327 
TYR CB  HB2  sing N N 328 
TYR CB  HB3  sing N N 329 
TYR CG  CD1  doub Y N 330 
TYR CG  CD2  sing Y N 331 
TYR CD1 CE1  sing Y N 332 
TYR CD1 HD1  sing N N 333 
TYR CD2 CE2  doub Y N 334 
TYR CD2 HD2  sing N N 335 
TYR CE1 CZ   doub Y N 336 
TYR CE1 HE1  sing N N 337 
TYR CE2 CZ   sing Y N 338 
TYR CE2 HE2  sing N N 339 
TYR CZ  OH   sing N N 340 
TYR OH  HH   sing N N 341 
TYR OXT HXT  sing N N 342 
VAL N   CA   sing N N 343 
VAL N   H    sing N N 344 
VAL N   H2   sing N N 345 
VAL CA  C    sing N N 346 
VAL CA  CB   sing N N 347 
VAL CA  HA   sing N N 348 
VAL C   O    doub N N 349 
VAL C   OXT  sing N N 350 
VAL CB  CG1  sing N N 351 
VAL CB  CG2  sing N N 352 
VAL CB  HB   sing N N 353 
VAL CG1 HG11 sing N N 354 
VAL CG1 HG12 sing N N 355 
VAL CG1 HG13 sing N N 356 
VAL CG2 HG21 sing N N 357 
VAL CG2 HG22 sing N N 358 
VAL CG2 HG23 sing N N 359 
VAL OXT HXT  sing N N 360 
# 
loop_
_pdbx_coordinate_model.asym_id 
_pdbx_coordinate_model.type 
A 'CA ATOMS ONLY' 
B 'CA ATOMS ONLY' 
C 'CA ATOMS ONLY' 
D 'CA ATOMS ONLY' 
# 
_atom_sites.entry_id                    1HIG 
_atom_sites.fract_transf_matrix[1][1]   0.00962639 
_atom_sites.fract_transf_matrix[1][2]   -0.00069282 
_atom_sites.fract_transf_matrix[1][3]   0.00307487 
_atom_sites.fract_transf_matrix[2][1]   0.00600220 
_atom_sites.fract_transf_matrix[2][2]   0.00815463 
_atom_sites.fract_transf_matrix[2][3]   -0.00026876 
_atom_sites.fract_transf_matrix[3][1]   -0.00088935 
_atom_sites.fract_transf_matrix[3][2]   0.00075195 
_atom_sites.fract_transf_matrix[3][3]   0.00295368 
_atom_sites.fract_transf_vector[1]      0.184318 
_atom_sites.fract_transf_vector[2]      0.325283 
_atom_sites.fract_transf_vector[3]      0.088542 
# 
_atom_sites_footnote.id     1 
_atom_sites_footnote.text   'RESIDUES 1, 2, 18 - 28, AND 121 - 123 FIT THE ELECTRON DENSITY POORLY.' 
# 
_atom_type.symbol   C 
# 
loop_
_atom_site.group_PDB 
_atom_site.id 
_atom_site.type_symbol 
_atom_site.label_atom_id 
_atom_site.label_alt_id 
_atom_site.label_comp_id 
_atom_site.label_asym_id 
_atom_site.label_entity_id 
_atom_site.label_seq_id 
_atom_site.pdbx_PDB_ins_code 
_atom_site.Cartn_x 
_atom_site.Cartn_y 
_atom_site.Cartn_z 
_atom_site.occupancy 
_atom_site.B_iso_or_equiv 
_atom_site.pdbx_formal_charge 
_atom_site.auth_seq_id 
_atom_site.auth_comp_id 
_atom_site.auth_asym_id 
_atom_site.auth_atom_id 
_atom_site.pdbx_PDB_model_num 
ATOM 1   C CA . GLN A 1 1   ? 28.563  -14.389 12.620  1.00 15.00 ? 1   GLN A CA 1 
ATOM 2   C CA . ASP A 1 2   ? 27.869  -15.900 15.902  1.00 15.00 ? 2   ASP A CA 1 
ATOM 3   C CA . PRO A 1 3   ? 27.440  -12.608 17.858  1.00 15.00 ? 3   PRO A CA 1 
ATOM 4   C CA . TYR A 1 4   ? 25.093  -10.955 15.289  1.00 15.00 ? 4   TYR A CA 1 
ATOM 5   C CA . VAL A 1 5   ? 23.044  -14.210 14.705  1.00 15.00 ? 5   VAL A CA 1 
ATOM 6   C CA . LYS A 1 6   ? 21.899  -15.010 18.338  1.00 15.00 ? 6   LYS A CA 1 
ATOM 7   C CA . GLU A 1 7   ? 19.450  -12.174 17.719  1.00 15.00 ? 7   GLU A CA 1 
ATOM 8   C CA . ALA A 1 8   ? 18.221  -14.042 14.539  1.00 15.00 ? 8   ALA A CA 1 
ATOM 9   C CA . GLU A 1 9   ? 17.301  -17.256 16.428  1.00 15.00 ? 9   GLU A CA 1 
ATOM 10  C CA . ASN A 1 10  ? 15.310  -15.002 18.768  1.00 15.00 ? 10  ASN A CA 1 
ATOM 11  C CA . LEU A 1 11  ? 13.426  -13.339 15.857  1.00 15.00 ? 11  LEU A CA 1 
ATOM 12  C CA . LYS A 1 12  ? 12.774  -16.778 14.317  1.00 15.00 ? 12  LYS A CA 1 
ATOM 13  C CA . LYS A 1 13  ? 12.007  -17.963 17.887  1.00 15.00 ? 13  LYS A CA 1 
ATOM 14  C CA . TYR A 1 14  ? 9.528   -15.148 18.594  1.00 15.00 ? 14  TYR A CA 1 
ATOM 15  C CA . PHE A 1 15  ? 7.721   -15.379 15.281  1.00 15.00 ? 15  PHE A CA 1 
ATOM 16  C CA . ASN A 1 16  ? 7.213   -19.074 15.448  1.00 15.00 ? 16  ASN A CA 1 
ATOM 17  C CA . ALA A 1 17  ? 9.191   -19.714 12.396  1.00 15.00 ? 17  ALA A CA 1 
ATOM 18  C CA . GLY A 1 18  ? 9.616   -23.171 14.051  1.00 15.00 ? 18  GLY A CA 1 
ATOM 19  C CA . HIS A 1 19  ? 9.976   -24.637 10.587  1.00 15.00 ? 19  HIS A CA 1 
ATOM 20  C CA . SER A 1 20  ? 7.352   -22.756 8.920   1.00 15.00 ? 20  SER A CA 1 
ATOM 21  C CA . ASP A 1 21  ? 6.438   -24.637 5.661   1.00 15.00 ? 21  ASP A CA 1 
ATOM 22  C CA . VAL A 1 22  ? 7.982   -27.380 3.646   1.00 15.00 ? 22  VAL A CA 1 
ATOM 23  C CA . ALA A 1 23  ? 4.990   -27.196 1.242   1.00 15.00 ? 23  ALA A CA 1 
ATOM 24  C CA . ASP A 1 24  ? 7.851   -25.804 -0.608  1.00 15.00 ? 24  ASP A CA 1 
ATOM 25  C CA . ASN A 1 25  ? 9.107   -23.088 1.773   1.00 15.00 ? 25  ASN A CA 1 
ATOM 26  C CA . GLY A 1 26  ? 12.716  -22.695 0.664   1.00 15.00 ? 26  GLY A CA 1 
ATOM 27  C CA . THR A 1 27  ? 10.886  -21.762 -2.416  1.00 15.00 ? 27  THR A CA 1 
ATOM 28  C CA . LEU A 1 28  ? 10.278  -18.165 -1.289  1.00 15.00 ? 28  LEU A CA 1 
ATOM 29  C CA . PHE A 1 29  ? 14.006  -17.316 -1.335  1.00 15.00 ? 29  PHE A CA 1 
ATOM 30  C CA . LEU A 1 30  ? 16.397  -20.354 -1.132  1.00 15.00 ? 30  LEU A CA 1 
ATOM 31  C CA . GLY A 1 31  ? 14.631  -21.987 -4.035  1.00 15.00 ? 31  GLY A CA 1 
ATOM 32  C CA . ILE A 1 32  ? 14.502  -19.408 -6.726  1.00 15.00 ? 32  ILE A CA 1 
ATOM 33  C CA . LEU A 1 33  ? 17.769  -18.068 -5.267  1.00 15.00 ? 33  LEU A CA 1 
ATOM 34  C CA . LYS A 1 34  ? 19.829  -21.404 -5.689  1.00 15.00 ? 34  LYS A CA 1 
ATOM 35  C CA . ASN A 1 35  ? 18.637  -21.248 -9.256  1.00 15.00 ? 35  ASN A CA 1 
ATOM 36  C CA . TRP A 1 36  ? 21.076  -18.391 -9.351  1.00 15.00 ? 36  TRP A CA 1 
ATOM 37  C CA . LYS A 1 37  ? 24.716  -19.005 -9.556  1.00 15.00 ? 37  LYS A CA 1 
ATOM 38  C CA . GLU A 1 38  ? 26.254  -16.240 -11.763 1.00 15.00 ? 38  GLU A CA 1 
ATOM 39  C CA . GLU A 1 39  ? 26.944  -13.135 -9.619  1.00 15.00 ? 39  GLU A CA 1 
ATOM 40  C CA . SER A 1 40  ? 25.830  -10.126 -11.751 1.00 15.00 ? 40  SER A CA 1 
ATOM 41  C CA . ASP A 1 41  ? 22.270  -11.307 -12.485 1.00 15.00 ? 41  ASP A CA 1 
ATOM 42  C CA . ARG A 1 42  ? 22.267  -12.834 -8.888  1.00 15.00 ? 42  ARG A CA 1 
ATOM 43  C CA . LYS A 1 43  ? 22.182  -9.191  -7.701  1.00 15.00 ? 43  LYS A CA 1 
ATOM 44  C CA . ILE A 1 44  ? 18.834  -8.398  -9.474  1.00 15.00 ? 44  ILE A CA 1 
ATOM 45  C CA . MET A 1 45  ? 17.336  -11.202 -7.289  1.00 15.00 ? 45  MET A CA 1 
ATOM 46  C CA . GLN A 1 46  ? 19.460  -10.606 -4.090  1.00 15.00 ? 46  GLN A CA 1 
ATOM 47  C CA . SER A 1 47  ? 18.360  -6.905  -3.957  1.00 15.00 ? 47  SER A CA 1 
ATOM 48  C CA . GLN A 1 48  ? 14.651  -7.649  -4.019  1.00 15.00 ? 48  GLN A CA 1 
ATOM 49  C CA . ILE A 1 49  ? 15.014  -10.078 -1.051  1.00 15.00 ? 49  ILE A CA 1 
ATOM 50  C CA . VAL A 1 50  ? 16.558  -7.227  0.977   1.00 15.00 ? 50  VAL A CA 1 
ATOM 51  C CA . SER A 1 51  ? 13.883  -4.726  -0.109  1.00 15.00 ? 51  SER A CA 1 
ATOM 52  C CA . PHE A 1 52  ? 11.366  -7.212  1.181   1.00 15.00 ? 52  PHE A CA 1 
ATOM 53  C CA . TYR A 1 53  ? 13.414  -7.324  4.349   1.00 15.00 ? 53  TYR A CA 1 
ATOM 54  C CA . PHE A 1 54  ? 13.646  -3.472  4.786   1.00 15.00 ? 54  PHE A CA 1 
ATOM 55  C CA . LYS A 1 55  ? 9.964   -3.230  3.966   1.00 15.00 ? 55  LYS A CA 1 
ATOM 56  C CA . LEU A 1 56  ? 9.204   -6.064  6.489   1.00 15.00 ? 56  LEU A CA 1 
ATOM 57  C CA . PHE A 1 57  ? 11.423  -4.760  9.264   1.00 15.00 ? 57  PHE A CA 1 
ATOM 58  C CA . LYS A 1 58  ? 9.857   -1.181  8.869   1.00 15.00 ? 58  LYS A CA 1 
ATOM 59  C CA . ASN A 1 59  ? 6.627   -2.896  10.211  1.00 15.00 ? 59  ASN A CA 1 
ATOM 60  C CA . PHE A 1 60  ? 8.272   -4.257  13.439  1.00 15.00 ? 60  PHE A CA 1 
ATOM 61  C CA . LYS A 1 61  ? 10.513  -1.201  14.236  1.00 15.00 ? 61  LYS A CA 1 
ATOM 62  C CA . ASP A 1 62  ? 8.749   -0.256  17.567  1.00 15.00 ? 62  ASP A CA 1 
ATOM 63  C CA . ASP A 1 63  ? 7.796   -3.646  18.961  1.00 15.00 ? 63  ASP A CA 1 
ATOM 64  C CA . GLN A 1 64  ? 9.830   -3.606  22.279  1.00 15.00 ? 64  GLN A CA 1 
ATOM 65  C CA . SER A 1 65  ? 10.443  -7.376  22.724  1.00 15.00 ? 65  SER A CA 1 
ATOM 66  C CA . ILE A 1 66  ? 12.083  -7.744  19.263  1.00 15.00 ? 66  ILE A CA 1 
ATOM 67  C CA . GLN A 1 67  ? 13.108  -4.043  18.803  1.00 15.00 ? 67  GLN A CA 1 
ATOM 68  C CA . LYS A 1 68  ? 16.923  -4.599  19.099  1.00 15.00 ? 68  LYS A CA 1 
ATOM 69  C CA . SER A 1 69  ? 17.016  -7.914  17.295  1.00 15.00 ? 69  SER A CA 1 
ATOM 70  C CA . VAL A 1 70  ? 15.911  -5.998  14.205  1.00 15.00 ? 70  VAL A CA 1 
ATOM 71  C CA . GLU A 1 71  ? 18.874  -3.435  14.693  1.00 15.00 ? 71  GLU A CA 1 
ATOM 72  C CA . THR A 1 72  ? 21.733  -6.067  14.644  1.00 15.00 ? 72  THR A CA 1 
ATOM 73  C CA . ILE A 1 73  ? 20.046  -7.955  11.758  1.00 15.00 ? 73  ILE A CA 1 
ATOM 74  C CA . LYS A 1 74  ? 19.404  -4.685  9.773   1.00 15.00 ? 74  LYS A CA 1 
ATOM 75  C CA . GLU A 1 75  ? 23.024  -3.643  10.649  1.00 15.00 ? 75  GLU A CA 1 
ATOM 76  C CA . ASP A 1 76  ? 24.694  -6.923  9.423   1.00 15.00 ? 76  ASP A CA 1 
ATOM 77  C CA . MET A 1 77  ? 22.406  -7.301  6.290   1.00 15.00 ? 77  MET A CA 1 
ATOM 78  C CA . ASN A 1 78  ? 22.899  -3.671  5.174   1.00 15.00 ? 78  ASN A CA 1 
ATOM 79  C CA . VAL A 1 79  ? 26.649  -3.884  5.740   1.00 15.00 ? 79  VAL A CA 1 
ATOM 80  C CA . LYS A 1 80  ? 27.116  -7.419  4.239   1.00 15.00 ? 80  LYS A CA 1 
ATOM 81  C CA . PHE A 1 81  ? 25.215  -7.267  0.903   1.00 15.00 ? 81  PHE A CA 1 
ATOM 82  C CA . PHE A 1 82  ? 26.217  -3.636  0.336   1.00 15.00 ? 82  PHE A CA 1 
ATOM 83  C CA . ASN A 1 83  ? 29.777  -4.577  1.356   1.00 15.00 ? 83  ASN A CA 1 
ATOM 84  C CA . SER A 1 84  ? 29.356  -1.627  3.595   1.00 15.00 ? 84  SER A CA 1 
ATOM 85  C CA . ASN A 1 85  ? 29.742  1.147   0.880   1.00 15.00 ? 85  ASN A CA 1 
ATOM 86  C CA . LYS A 1 86  ? 28.526  4.360   2.482   1.00 15.00 ? 86  LYS A CA 1 
ATOM 87  C CA . LYS A 1 87  ? 26.702  6.220   -0.284  1.00 15.00 ? 87  LYS A CA 1 
ATOM 88  C CA . LYS A 1 88  ? 25.455  3.150   -2.186  1.00 15.00 ? 88  LYS A CA 1 
ATOM 89  C CA . ARG A 1 89  ? 23.044  2.117   0.683   1.00 15.00 ? 89  ARG A CA 1 
ATOM 90  C CA . ASP A 1 90  ? 22.050  5.850   0.527   1.00 15.00 ? 90  ASP A CA 1 
ATOM 91  C CA . ASP A 1 91  ? 21.442  5.442   -3.231  1.00 15.00 ? 91  ASP A CA 1 
ATOM 92  C CA . PHE A 1 92  ? 19.751  2.054   -2.997  1.00 15.00 ? 92  PHE A CA 1 
ATOM 93  C CA . GLU A 1 93  ? 17.777  4.084   -0.435  1.00 15.00 ? 93  GLU A CA 1 
ATOM 94  C CA . LYS A 1 94  ? 17.002  7.307   -2.264  1.00 15.00 ? 94  LYS A CA 1 
ATOM 95  C CA . LEU A 1 95  ? 14.917  5.048   -4.668  1.00 15.00 ? 95  LEU A CA 1 
ATOM 96  C CA . THR A 1 96  ? 13.572  2.102   -2.540  1.00 15.00 ? 96  THR A CA 1 
ATOM 97  C CA . ASN A 1 97  ? 10.853  4.101   -0.382  1.00 15.00 ? 97  ASN A CA 1 
ATOM 98  C CA . TYR A 1 98  ? 9.735   6.426   -3.314  1.00 15.00 ? 98  TYR A CA 1 
ATOM 99  C CA . SER A 1 99  ? 6.059   6.323   -4.220  1.00 15.00 ? 99  SER A CA 1 
ATOM 100 C CA . VAL A 1 100 ? 4.388   5.293   -7.597  1.00 15.00 ? 100 VAL A CA 1 
ATOM 101 C CA . THR A 1 101 ? 1.478   7.397   -6.343  1.00 15.00 ? 101 THR A CA 1 
ATOM 102 C CA . ASP A 1 102 ? 2.979   10.967  -6.012  1.00 15.00 ? 102 ASP A CA 1 
ATOM 103 C CA . LEU A 1 103 ? 1.768   12.789  -9.150  1.00 15.00 ? 103 LEU A CA 1 
ATOM 104 C CA . ASN A 1 104 ? 5.246   14.376  -9.575  1.00 15.00 ? 104 ASN A CA 1 
ATOM 105 C CA . VAL A 1 105 ? 7.329   11.168  -9.117  1.00 15.00 ? 105 VAL A CA 1 
ATOM 106 C CA . GLN A 1 106 ? 4.986   9.650   -11.662 1.00 15.00 ? 106 GLN A CA 1 
ATOM 107 C CA . ARG A 1 107 ? 5.869   12.495  -14.098 1.00 15.00 ? 107 ARG A CA 1 
ATOM 108 C CA . LYS A 1 108 ? 9.487   13.089  -13.109 1.00 15.00 ? 108 LYS A CA 1 
ATOM 109 C CA . ALA A 1 109 ? 10.259  9.385   -13.676 1.00 15.00 ? 109 ALA A CA 1 
ATOM 110 C CA . ILE A 1 110 ? 8.032   8.581   -16.707 1.00 15.00 ? 110 ILE A CA 1 
ATOM 111 C CA . HIS A 1 111 ? 9.382   11.578  -18.584 1.00 15.00 ? 111 HIS A CA 1 
ATOM 112 C CA . GLU A 1 112 ? 12.996  10.342  -18.649 1.00 15.00 ? 112 GLU A CA 1 
ATOM 113 C CA . LEU A 1 113 ? 11.846  6.778   -19.409 1.00 15.00 ? 113 LEU A CA 1 
ATOM 114 C CA . ILE A 1 114 ? 13.720  6.950   -22.672 1.00 15.00 ? 114 ILE A CA 1 
ATOM 115 C CA . GLN A 1 115 ? 17.244  6.722   -21.202 1.00 15.00 ? 115 GLN A CA 1 
ATOM 116 C CA . VAL A 1 116 ? 16.291  4.116   -18.600 1.00 15.00 ? 116 VAL A CA 1 
ATOM 117 C CA . MET A 1 117 ? 15.104  1.729   -21.316 1.00 15.00 ? 117 MET A CA 1 
ATOM 118 C CA . ALA A 1 118 ? 18.386  2.455   -23.077 1.00 15.00 ? 118 ALA A CA 1 
ATOM 119 C CA . GLU A 1 119 ? 20.561  2.348   -19.928 1.00 15.00 ? 119 GLU A CA 1 
ATOM 120 C CA . LEU A 1 120 ? 20.058  -1.432  -19.033 1.00 15.00 ? 120 LEU A CA 1 
ATOM 121 C CA . SER A 1 121 ? 23.284  -1.376  -20.726 1.00 15.00 ? 121 SER A CA 1 
ATOM 122 C CA . PRO A 1 122 ? 24.281  -4.016  -19.236 1.00 15.00 ? 122 PRO A CA 1 
ATOM 123 C CA . ALA A 1 123 ? 27.723  -2.243  -18.420 1.00 15.00 ? 123 ALA A CA 1 
ATOM 124 C CA . GLN B 1 1   ? 15.939  -1.303  -30.380 1.00 15.00 ? 1   GLN B CA 1 
ATOM 125 C CA . ASP B 1 2   ? 13.674  1.052   -32.369 1.00 15.00 ? 2   ASP B CA 1 
ATOM 126 C CA . PRO B 1 3   ? 9.888   0.953   -32.276 1.00 15.00 ? 3   PRO B CA 1 
ATOM 127 C CA . TYR B 1 4   ? 9.938   0.960   -28.550 1.00 15.00 ? 4   TYR B CA 1 
ATOM 128 C CA . VAL B 1 5   ? 11.489  4.458   -28.000 1.00 15.00 ? 5   VAL B CA 1 
ATOM 129 C CA . LYS B 1 6   ? 9.049   5.929   -30.435 1.00 15.00 ? 6   LYS B CA 1 
ATOM 130 C CA . GLU B 1 7   ? 5.990   4.872   -28.386 1.00 15.00 ? 7   GLU B CA 1 
ATOM 131 C CA . ALA B 1 8   ? 7.520   6.080   -25.093 1.00 15.00 ? 8   ALA B CA 1 
ATOM 132 C CA . GLU B 1 9   ? 7.425   9.618   -26.717 1.00 15.00 ? 9   GLU B CA 1 
ATOM 133 C CA . ASN B 1 10  ? 3.652   9.147   -27.311 1.00 15.00 ? 10  ASN B CA 1 
ATOM 134 C CA . LEU B 1 11  ? 3.332   8.357   -23.523 1.00 15.00 ? 11  LEU B CA 1 
ATOM 135 C CA . LYS B 1 12  ? 5.562   11.164  -22.377 1.00 15.00 ? 12  LYS B CA 1 
ATOM 136 C CA . LYS B 1 13  ? 3.386   14.228  -23.559 1.00 15.00 ? 13  LYS B CA 1 
ATOM 137 C CA . TYR B 1 14  ? 0.131   12.536  -22.653 1.00 15.00 ? 14  TYR B CA 1 
ATOM 138 C CA . PHE B 1 15  ? 1.433   12.747  -19.148 1.00 15.00 ? 15  PHE B CA 1 
ATOM 139 C CA . ASN B 1 16  ? 2.023   16.549  -19.401 1.00 15.00 ? 16  ASN B CA 1 
ATOM 140 C CA . ALA B 1 17  ? 5.812   15.403  -19.044 1.00 15.00 ? 17  ALA B CA 1 
ATOM 141 C CA . GLY B 1 18  ? 7.609   18.295  -20.974 1.00 15.00 ? 18  GLY B CA 1 
ATOM 142 C CA . HIS B 1 19  ? 9.366   19.312  -17.767 1.00 15.00 ? 19  HIS B CA 1 
ATOM 143 C CA . SER B 1 20  ? 8.637   22.146  -15.245 1.00 15.00 ? 20  SER B CA 1 
ATOM 144 C CA . ASP B 1 21  ? 11.178  22.831  -12.297 1.00 15.00 ? 21  ASP B CA 1 
ATOM 145 C CA . VAL B 1 22  ? 14.766  22.566  -11.175 1.00 15.00 ? 22  VAL B CA 1 
ATOM 146 C CA . ALA B 1 23  ? 15.179  22.267  -7.334  1.00 15.00 ? 23  ALA B CA 1 
ATOM 147 C CA . ASP B 1 24  ? 17.030  19.106  -7.760  1.00 15.00 ? 24  ASP B CA 1 
ATOM 148 C CA . ASN B 1 25  ? 16.307  18.254  -11.366 1.00 15.00 ? 25  ASN B CA 1 
ATOM 149 C CA . GLY B 1 26  ? 17.264  15.185  -13.214 1.00 15.00 ? 26  GLY B CA 1 
ATOM 150 C CA . THR B 1 27  ? 17.687  13.758  -9.928  1.00 15.00 ? 27  THR B CA 1 
ATOM 151 C CA . LEU B 1 28  ? 15.523  10.673  -9.618  1.00 15.00 ? 28  LEU B CA 1 
ATOM 152 C CA . PHE B 1 29  ? 16.860  7.581   -11.597 1.00 15.00 ? 29  PHE B CA 1 
ATOM 153 C CA . LEU B 1 30  ? 19.569  8.845   -13.894 1.00 15.00 ? 30  LEU B CA 1 
ATOM 154 C CA . GLY B 1 31  ? 21.441  10.663  -11.202 1.00 15.00 ? 31  GLY B CA 1 
ATOM 155 C CA . ILE B 1 32  ? 21.991  7.255   -9.584  1.00 15.00 ? 32  ILE B CA 1 
ATOM 156 C CA . LEU B 1 33  ? 22.893  5.457   -12.897 1.00 15.00 ? 33  LEU B CA 1 
ATOM 157 C CA . LYS B 1 34  ? 25.365  8.227   -13.779 1.00 15.00 ? 34  LYS B CA 1 
ATOM 158 C CA . ASN B 1 35  ? 27.414  7.154   -10.725 1.00 15.00 ? 35  ASN B CA 1 
ATOM 159 C CA . TRP B 1 36  ? 27.947  3.292   -10.968 1.00 15.00 ? 36  TRP B CA 1 
ATOM 160 C CA . LYS B 1 37  ? 30.273  0.918   -12.850 1.00 15.00 ? 37  LYS B CA 1 
ATOM 161 C CA . GLU B 1 38  ? 30.737  -2.688  -11.882 1.00 15.00 ? 38  GLU B CA 1 
ATOM 162 C CA . GLU B 1 39  ? 28.021  -4.834  -13.375 1.00 15.00 ? 39  GLU B CA 1 
ATOM 163 C CA . SER B 1 40  ? 27.244  -6.245  -9.813  1.00 15.00 ? 40  SER B CA 1 
ATOM 164 C CA . ASP B 1 41  ? 26.478  -2.730  -8.184  1.00 15.00 ? 41  ASP B CA 1 
ATOM 165 C CA . ARG B 1 42  ? 24.788  -1.200  -11.340 1.00 15.00 ? 42  ARG B CA 1 
ATOM 166 C CA . LYS B 1 43  ? 22.289  -4.034  -10.962 1.00 15.00 ? 43  LYS B CA 1 
ATOM 167 C CA . ILE B 1 44  ? 21.446  -3.515  -7.131  1.00 15.00 ? 44  ILE B CA 1 
ATOM 168 C CA . MET B 1 45  ? 20.268  -0.045  -8.016  1.00 15.00 ? 45  MET B CA 1 
ATOM 169 C CA . GLN B 1 46  ? 18.579  -1.173  -11.234 1.00 15.00 ? 46  GLN B CA 1 
ATOM 170 C CA . SER B 1 47  ? 16.491  -4.117  -10.192 1.00 15.00 ? 47  SER B CA 1 
ATOM 171 C CA . GLN B 1 48  ? 15.023  -1.398  -7.924  1.00 15.00 ? 48  GLN B CA 1 
ATOM 172 C CA . ILE B 1 49  ? 14.242  0.738   -11.046 1.00 15.00 ? 49  ILE B CA 1 
ATOM 173 C CA . VAL B 1 50  ? 12.363  -1.870  -12.996 1.00 15.00 ? 50  VAL B CA 1 
ATOM 174 C CA . SER B 1 51  ? 10.174  -2.688  -9.915  1.00 15.00 ? 51  SER B CA 1 
ATOM 175 C CA . PHE B 1 52  ? 9.208   1.029   -10.057 1.00 15.00 ? 52  PHE B CA 1 
ATOM 176 C CA . TYR B 1 53  ? 8.233   0.950   -13.789 1.00 15.00 ? 53  TYR B CA 1 
ATOM 177 C CA . PHE B 1 54  ? 6.652   -2.450  -13.523 1.00 15.00 ? 54  PHE B CA 1 
ATOM 178 C CA . LYS B 1 55  ? 4.541   -1.235  -10.623 1.00 15.00 ? 55  LYS B CA 1 
ATOM 179 C CA . LEU B 1 56  ? 3.666   2.164   -12.122 1.00 15.00 ? 56  LEU B CA 1 
ATOM 180 C CA . PHE B 1 57  ? 2.968   0.825   -15.650 1.00 15.00 ? 57  PHE B CA 1 
ATOM 181 C CA . LYS B 1 58  ? 0.819   -2.173  -14.483 1.00 15.00 ? 58  LYS B CA 1 
ATOM 182 C CA . ASN B 1 59  ? -1.300  0.419   -12.619 1.00 15.00 ? 59  ASN B CA 1 
ATOM 183 C CA . PHE B 1 60  ? -2.150  2.245   -15.939 1.00 15.00 ? 60  PHE B CA 1 
ATOM 184 C CA . LYS B 1 61  ? -3.106  -0.868  -17.936 1.00 15.00 ? 61  LYS B CA 1 
ATOM 185 C CA . ASP B 1 62  ? -6.754  -0.545  -18.951 1.00 15.00 ? 62  ASP B CA 1 
ATOM 186 C CA . ASP B 1 63  ? -6.503  3.189   -19.645 1.00 15.00 ? 63  ASP B CA 1 
ATOM 187 C CA . GLN B 1 64  ? -7.923  3.477   -23.303 1.00 15.00 ? 64  GLN B CA 1 
ATOM 188 C CA . SER B 1 65  ? -5.024  4.994   -25.272 1.00 15.00 ? 65  SER B CA 1 
ATOM 189 C CA . ILE B 1 66  ? -1.833  4.227   -23.304 1.00 15.00 ? 66  ILE B CA 1 
ATOM 190 C CA . GLN B 1 67  ? -2.878  0.600   -22.538 1.00 15.00 ? 67  GLN B CA 1 
ATOM 191 C CA . LYS B 1 68  ? -1.124  0.301   -25.935 1.00 15.00 ? 68  LYS B CA 1 
ATOM 192 C CA . SER B 1 69  ? 2.087   2.191   -25.041 1.00 15.00 ? 69  SER B CA 1 
ATOM 193 C CA . VAL B 1 70  ? 2.840   0.605   -21.619 1.00 15.00 ? 70  VAL B CA 1 
ATOM 194 C CA . GLU B 1 71  ? 2.599   -3.147  -22.704 1.00 15.00 ? 71  GLU B CA 1 
ATOM 195 C CA . THR B 1 72  ? 5.087   -2.230  -25.494 1.00 15.00 ? 72  THR B CA 1 
ATOM 196 C CA . ILE B 1 73  ? 7.611   -0.769  -23.105 1.00 15.00 ? 73  ILE B CA 1 
ATOM 197 C CA . LYS B 1 74  ? 7.009   -3.429  -20.400 1.00 15.00 ? 74  LYS B CA 1 
ATOM 198 C CA . GLU B 1 75  ? 7.793   -5.957  -23.129 1.00 15.00 ? 75  GLU B CA 1 
ATOM 199 C CA . ASP B 1 76  ? 11.079  -4.347  -24.307 1.00 15.00 ? 76  ASP B CA 1 
ATOM 200 C CA . MET B 1 77  ? 12.243  -3.767  -20.696 1.00 15.00 ? 77  MET B CA 1 
ATOM 201 C CA . ASN B 1 78  ? 12.080  -7.505  -20.138 1.00 15.00 ? 78  ASN B CA 1 
ATOM 202 C CA . VAL B 1 79  ? 14.247  -7.712  -23.398 1.00 15.00 ? 79  VAL B CA 1 
ATOM 203 C CA . LYS B 1 80  ? 17.019  -5.173  -22.444 1.00 15.00 ? 80  LYS B CA 1 
ATOM 204 C CA . PHE B 1 81  ? 16.980  -5.964  -18.754 1.00 15.00 ? 81  PHE B CA 1 
ATOM 205 C CA . PHE B 1 82  ? 16.648  -9.790  -18.865 1.00 15.00 ? 82  PHE B CA 1 
ATOM 206 C CA . ASN B 1 83  ? 18.108  -10.560 -22.269 1.00 15.00 ? 83  ASN B CA 1 
ATOM 207 C CA . SER B 1 84  ? 15.025  -11.713 -24.018 1.00 15.00 ? 84  SER B CA 1 
ATOM 208 C CA . ASN B 1 85  ? 13.852  -14.668 -21.769 1.00 15.00 ? 85  ASN B CA 1 
ATOM 209 C CA . LYS B 1 86  ? 11.558  -16.043 -19.132 1.00 15.00 ? 86  LYS B CA 1 
ATOM 210 C CA . LYS B 1 87  ? 13.046  -17.853 -16.044 1.00 15.00 ? 87  LYS B CA 1 
ATOM 211 C CA . LYS B 1 88  ? 14.941  -14.726 -14.847 1.00 15.00 ? 88  LYS B CA 1 
ATOM 212 C CA . ARG B 1 89  ? 11.926  -12.426 -15.328 1.00 15.00 ? 89  ARG B CA 1 
ATOM 213 C CA . ASP B 1 90  ? 9.599   -15.135 -13.883 1.00 15.00 ? 90  ASP B CA 1 
ATOM 214 C CA . ASP B 1 91  ? 11.630  -15.222 -10.668 1.00 15.00 ? 91  ASP B CA 1 
ATOM 215 C CA . PHE B 1 92  ? 12.146  -11.408 -10.259 1.00 15.00 ? 92  PHE B CA 1 
ATOM 216 C CA . GLU B 1 93  ? 8.403   -11.077 -10.780 1.00 15.00 ? 93  GLU B CA 1 
ATOM 217 C CA . LYS B 1 94  ? 7.652   -13.785 -8.238  1.00 15.00 ? 94  LYS B CA 1 
ATOM 218 C CA . LEU B 1 95  ? 10.087  -12.072 -5.687  1.00 15.00 ? 95  LEU B CA 1 
ATOM 219 C CA . THR B 1 96  ? 8.438   -8.737  -6.264  1.00 15.00 ? 96  THR B CA 1 
ATOM 220 C CA . ASN B 1 97  ? 4.830   -9.721  -5.921  1.00 15.00 ? 97  ASN B CA 1 
ATOM 221 C CA . TYR B 1 98  ? 5.423   -11.264 -2.389  1.00 15.00 ? 98  TYR B CA 1 
ATOM 222 C CA . SER B 1 99  ? 3.449   -9.591  0.338   1.00 15.00 ? 99  SER B CA 1 
ATOM 223 C CA . VAL B 1 100 ? 5.174   -7.958  3.333   1.00 15.00 ? 100 VAL B CA 1 
ATOM 224 C CA . THR B 1 101 ? 1.686   -7.778  4.719   1.00 15.00 ? 101 THR B CA 1 
ATOM 225 C CA . ASP B 1 102 ? 0.598   -11.501 4.789   1.00 15.00 ? 102 ASP B CA 1 
ATOM 226 C CA . LEU B 1 103 ? 1.319   -13.075 8.200   1.00 15.00 ? 103 LEU B CA 1 
ATOM 227 C CA . ASN B 1 104 ? 2.095   -16.486 6.564   1.00 15.00 ? 104 ASN B CA 1 
ATOM 228 C CA . VAL B 1 105 ? 4.766   -14.811 4.269   1.00 15.00 ? 105 VAL B CA 1 
ATOM 229 C CA . GLN B 1 106 ? 6.068   -12.625 7.066   1.00 15.00 ? 106 GLN B CA 1 
ATOM 230 C CA . ARG B 1 107 ? 6.570   -15.954 9.044   1.00 15.00 ? 107 ARG B CA 1 
ATOM 231 C CA . LYS B 1 108 ? 8.436   -18.056 6.384   1.00 15.00 ? 108 LYS B CA 1 
ATOM 232 C CA . ALA B 1 109 ? 10.734  -15.003 5.215   1.00 15.00 ? 109 ALA B CA 1 
ATOM 233 C CA . ILE B 1 110 ? 11.670  -14.655 8.935   1.00 15.00 ? 110 ILE B CA 1 
ATOM 234 C CA . HIS B 1 111 ? 12.257  -18.299 8.804   1.00 15.00 ? 111 HIS B CA 1 
ATOM 235 C CA . GLU B 1 112 ? 14.827  -18.293 5.962   1.00 15.00 ? 112 GLU B CA 1 
ATOM 236 C CA . LEU B 1 113 ? 16.692  -15.062 6.758   1.00 15.00 ? 113 LEU B CA 1 
ATOM 237 C CA . ILE B 1 114 ? 19.576  -16.826 8.612   1.00 15.00 ? 114 ILE B CA 1 
ATOM 238 C CA . GLN B 1 115 ? 20.270  -19.085 5.676   1.00 15.00 ? 115 GLN B CA 1 
ATOM 239 C CA . VAL B 1 116 ? 19.660  -16.149 3.273   1.00 15.00 ? 116 VAL B CA 1 
ATOM 240 C CA . MET B 1 117 ? 22.350  -13.946 4.912   1.00 15.00 ? 117 MET B CA 1 
ATOM 241 C CA . ALA B 1 118 ? 25.055  -16.648 4.262   1.00 15.00 ? 118 ALA B CA 1 
ATOM 242 C CA . GLU B 1 119 ? 23.964  -16.455 0.689   1.00 15.00 ? 119 GLU B CA 1 
ATOM 243 C CA . LEU B 1 120 ? 23.577  -12.615 0.396   1.00 15.00 ? 120 LEU B CA 1 
ATOM 244 C CA . SER B 1 121 ? 26.730  -10.499 -0.617  1.00 15.00 ? 121 SER B CA 1 
ATOM 245 C CA . PRO B 1 122 ? 28.763  -10.924 -3.700  1.00 15.00 ? 122 PRO B CA 1 
ATOM 246 C CA . ALA B 1 123 ? 30.279  -14.184 -2.062  1.00 15.00 ? 123 ALA B CA 1 
ATOM 247 C CA . GLN C 1 1   ? -20.705 25.864  -2.899  1.00 15.00 ? 1   GLN C CA 1 
ATOM 248 C CA . ASP C 1 2   ? -18.849 28.770  -4.584  1.00 15.00 ? 2   ASP C CA 1 
ATOM 249 C CA . PRO C 1 3   ? -15.362 28.720  -5.031  1.00 15.00 ? 3   PRO C CA 1 
ATOM 250 C CA . TYR C 1 4   ? -15.149 25.006  -4.732  1.00 15.00 ? 4   TYR C CA 1 
ATOM 251 C CA . VAL C 1 5   ? -17.246 24.382  -7.805  1.00 15.00 ? 5   VAL C CA 1 
ATOM 252 C CA . LYS C 1 6   ? -14.792 26.531  -9.857  1.00 15.00 ? 6   LYS C CA 1 
ATOM 253 C CA . GLU C 1 7   ? -11.920 24.579  -8.281  1.00 15.00 ? 7   GLU C CA 1 
ATOM 254 C CA . ALA C 1 8   ? -13.725 21.230  -8.786  1.00 15.00 ? 8   ALA C CA 1 
ATOM 255 C CA . GLU C 1 9   ? -14.216 22.200  -12.440 1.00 15.00 ? 9   GLU C CA 1 
ATOM 256 C CA . ASN C 1 10  ? -10.561 23.097  -12.447 1.00 15.00 ? 10  ASN C CA 1 
ATOM 257 C CA . LEU C 1 11  ? -9.998  19.559  -11.221 1.00 15.00 ? 11  LEU C CA 1 
ATOM 258 C CA . LYS C 1 12  ? -12.337 18.024  -13.849 1.00 15.00 ? 12  LYS C CA 1 
ATOM 259 C CA . LYS C 1 13  ? -10.692 19.840  -16.796 1.00 15.00 ? 13  LYS C CA 1 
ATOM 260 C CA . TYR C 1 14  ? -7.044  19.363  -15.729 1.00 15.00 ? 14  TYR C CA 1 
ATOM 261 C CA . PHE C 1 15  ? -7.789  15.604  -15.557 1.00 15.00 ? 15  PHE C CA 1 
ATOM 262 C CA . ASN C 1 16  ? -9.920  15.463  -18.729 1.00 15.00 ? 16  ASN C CA 1 
ATOM 263 C CA . ALA C 1 17  ? -12.815 13.719  -16.963 1.00 15.00 ? 17  ALA C CA 1 
ATOM 264 C CA . GLY C 1 18  ? -14.411 13.804  -20.440 1.00 15.00 ? 18  GLY C CA 1 
ATOM 265 C CA . HIS C 1 19  ? -16.906 10.884  -20.629 1.00 15.00 ? 19  HIS C CA 1 
ATOM 266 C CA . SER C 1 20  ? -14.824 8.286   -18.710 1.00 15.00 ? 20  SER C CA 1 
ATOM 267 C CA . ASP C 1 21  ? -17.422 5.470   -19.108 1.00 15.00 ? 21  ASP C CA 1 
ATOM 268 C CA . VAL C 1 22  ? -20.345 4.606   -21.395 1.00 15.00 ? 22  VAL C CA 1 
ATOM 269 C CA . ALA C 1 23  ? -21.949 1.368   -19.981 1.00 15.00 ? 23  ALA C CA 1 
ATOM 270 C CA . ASP C 1 24  ? -21.319 1.288   -16.240 1.00 15.00 ? 24  ASP C CA 1 
ATOM 271 C CA . ASN C 1 25  ? -19.812 4.539   -14.946 1.00 15.00 ? 25  ASN C CA 1 
ATOM 272 C CA . GLY C 1 26  ? -22.290 6.402   -13.483 1.00 15.00 ? 26  GLY C CA 1 
ATOM 273 C CA . THR C 1 27  ? -22.189 4.260   -10.636 1.00 15.00 ? 27  THR C CA 1 
ATOM 274 C CA . LEU C 1 28  ? -18.871 4.513   -8.880  1.00 15.00 ? 28  LEU C CA 1 
ATOM 275 C CA . PHE C 1 29  ? -19.760 6.531   -5.673  1.00 15.00 ? 29  PHE C CA 1 
ATOM 276 C CA . LEU C 1 30  ? -22.890 8.213   -6.857  1.00 15.00 ? 30  LEU C CA 1 
ATOM 277 C CA . GLY C 1 31  ? -25.004 5.075   -7.597  1.00 15.00 ? 31  GLY C CA 1 
ATOM 278 C CA . ILE C 1 32  ? -23.846 3.278   -4.448  1.00 15.00 ? 32  ILE C CA 1 
ATOM 279 C CA . LEU C 1 33  ? -24.764 6.265   -2.259  1.00 15.00 ? 33  LEU C CA 1 
ATOM 280 C CA . LYS C 1 34  ? -27.845 7.037   -4.460  1.00 15.00 ? 34  LYS C CA 1 
ATOM 281 C CA . ASN C 1 35  ? -29.816 3.944   -3.288  1.00 15.00 ? 35  ASN C CA 1 
ATOM 282 C CA . TRP C 1 36  ? -29.198 4.433   0.500   1.00 15.00 ? 36  TRP C CA 1 
ATOM 283 C CA . LYS C 1 37  ? -31.731 6.611   2.042   1.00 15.00 ? 37  LYS C CA 1 
ATOM 284 C CA . GLU C 1 38  ? -31.470 7.304   5.784   1.00 15.00 ? 38  GLU C CA 1 
ATOM 285 C CA . GLU C 1 39  ? -28.520 8.918   7.650   1.00 15.00 ? 39  GLU C CA 1 
ATOM 286 C CA . SER C 1 40  ? -27.457 5.759   9.493   1.00 15.00 ? 40  SER C CA 1 
ATOM 287 C CA . ASP C 1 41  ? -26.966 3.703   6.259   1.00 15.00 ? 41  ASP C CA 1 
ATOM 288 C CA . ARG C 1 42  ? -25.836 6.724   4.124   1.00 15.00 ? 42  ARG C CA 1 
ATOM 289 C CA . LYS C 1 43  ? -23.132 7.747   6.620   1.00 15.00 ? 43  LYS C CA 1 
ATOM 290 C CA . ILE C 1 44  ? -21.502 4.338   6.217   1.00 15.00 ? 44  ILE C CA 1 
ATOM 291 C CA . MET C 1 45  ? -20.888 5.210   2.515   1.00 15.00 ? 45  MET C CA 1 
ATOM 292 C CA . GLN C 1 46  ? -20.095 8.913   2.927   1.00 15.00 ? 46  GLN C CA 1 
ATOM 293 C CA . SER C 1 47  ? -17.370 8.079   5.401   1.00 15.00 ? 47  SER C CA 1 
ATOM 294 C CA . GLN C 1 48  ? -15.580 5.628   3.068   1.00 15.00 ? 48  GLN C CA 1 
ATOM 295 C CA . ILE C 1 49  ? -15.910 8.050   0.181   1.00 15.00 ? 49  ILE C CA 1 
ATOM 296 C CA . VAL C 1 50  ? -14.411 10.955  2.133   1.00 15.00 ? 50  VAL C CA 1 
ATOM 297 C CA . SER C 1 51  ? -11.471 8.805   3.225   1.00 15.00 ? 51  SER C CA 1 
ATOM 298 C CA . PHE C 1 52  ? -11.045 7.840   -0.425  1.00 15.00 ? 52  PHE C CA 1 
ATOM 299 C CA . TYR C 1 53  ? -11.033 11.497  -1.467  1.00 15.00 ? 53  TYR C CA 1 
ATOM 300 C CA . PHE C 1 54  ? -8.890  12.419  1.440   1.00 15.00 ? 54  PHE C CA 1 
ATOM 301 C CA . LYS C 1 55  ? -6.244  10.016  0.310   1.00 15.00 ? 55  LYS C CA 1 
ATOM 302 C CA . LEU C 1 56  ? -6.281  11.290  -3.334  1.00 15.00 ? 56  LEU C CA 1 
ATOM 303 C CA . PHE C 1 57  ? -6.047  14.849  -2.105  1.00 15.00 ? 57  PHE C CA 1 
ATOM 304 C CA . LYS C 1 58  ? -2.830  13.621  -0.343  1.00 15.00 ? 58  LYS C CA 1 
ATOM 305 C CA . ASN C 1 59  ? -1.255  11.866  -3.345  1.00 15.00 ? 59  ASN C CA 1 
ATOM 306 C CA . PHE C 1 60  ? -1.880  15.106  -5.436  1.00 15.00 ? 60  PHE C CA 1 
ATOM 307 C CA . LYS C 1 61  ? -1.133  18.415  -3.688  1.00 15.00 ? 61  LYS C CA 1 
ATOM 308 C CA . ASP C 1 62  ? 2.420   18.311  -4.945  1.00 15.00 ? 62  ASP C CA 1 
ATOM 309 C CA . ASP C 1 63  ? 2.119   18.959  -8.612  1.00 15.00 ? 63  ASP C CA 1 
ATOM 310 C CA . GLN C 1 64  ? 1.936   22.561  -8.560  1.00 15.00 ? 64  GLN C CA 1 
ATOM 311 C CA . SER C 1 65  ? -0.921  23.892  -10.652 1.00 15.00 ? 65  SER C CA 1 
ATOM 312 C CA . ILE C 1 66  ? -3.422  22.325  -8.156  1.00 15.00 ? 66  ILE C CA 1 
ATOM 313 C CA . GLN C 1 67  ? -1.958  22.782  -4.589  1.00 15.00 ? 67  GLN C CA 1 
ATOM 314 C CA . LYS C 1 68  ? -4.537  25.493  -3.757  1.00 15.00 ? 68  LYS C CA 1 
ATOM 315 C CA . SER C 1 69  ? -7.634  23.662  -5.162  1.00 15.00 ? 69  SER C CA 1 
ATOM 316 C CA . VAL C 1 70  ? -7.039  20.178  -3.594  1.00 15.00 ? 70  VAL C CA 1 
ATOM 317 C CA . GLU C 1 71  ? -6.901  22.056  -0.261  1.00 15.00 ? 71  GLU C CA 1 
ATOM 318 C CA . THR C 1 72  ? -9.968  24.345  -1.149  1.00 15.00 ? 72  THR C CA 1 
ATOM 319 C CA . ILE C 1 73  ? -12.102 21.438  -2.319  1.00 15.00 ? 73  ILE C CA 1 
ATOM 320 C CA . LYS C 1 74  ? -10.841 19.548  0.852   1.00 15.00 ? 74  LYS C CA 1 
ATOM 321 C CA . GLU C 1 75  ? -11.703 22.638  3.074   1.00 15.00 ? 75  GLU C CA 1 
ATOM 322 C CA . ASP C 1 76  ? -15.373 22.250  2.121   1.00 15.00 ? 76  ASP C CA 1 
ATOM 323 C CA . MET C 1 77  ? -15.422 18.436  2.193   1.00 15.00 ? 77  MET C CA 1 
ATOM 324 C CA . ASN C 1 78  ? -14.756 18.790  5.970   1.00 15.00 ? 78  ASN C CA 1 
ATOM 325 C CA . VAL C 1 79  ? -16.856 21.794  6.566   1.00 15.00 ? 79  VAL C CA 1 
ATOM 326 C CA . LYS C 1 80  ? -19.790 19.915  4.939   1.00 15.00 ? 80  LYS C CA 1 
ATOM 327 C CA . PHE C 1 81  ? -19.335 16.307  6.139   1.00 15.00 ? 81  PHE C CA 1 
ATOM 328 C CA . PHE C 1 82  ? -18.363 17.109  9.787   1.00 15.00 ? 82  PHE C CA 1 
ATOM 329 C CA . ASN C 1 83  ? -20.637 20.298  9.874   1.00 15.00 ? 83  ASN C CA 1 
ATOM 330 C CA . SER C 1 84  ? -17.624 22.710  10.096  1.00 15.00 ? 84  SER C CA 1 
ATOM 331 C CA . ASN C 1 85  ? -16.457 21.390  13.422  1.00 15.00 ? 85  ASN C CA 1 
ATOM 332 C CA . LYS C 1 86  ? -12.914 20.991  14.259  1.00 15.00 ? 86  LYS C CA 1 
ATOM 333 C CA . LYS C 1 87  ? -12.726 17.658  16.320  1.00 15.00 ? 87  LYS C CA 1 
ATOM 334 C CA . LYS C 1 88  ? -14.500 15.011  14.154  1.00 15.00 ? 88  LYS C CA 1 
ATOM 335 C CA . ARG C 1 89  ? -11.930 15.723  11.476  1.00 15.00 ? 89  ARG C CA 1 
ATOM 336 C CA . ASP C 1 90  ? -9.069  14.985  13.859  1.00 15.00 ? 90  ASP C CA 1 
ATOM 337 C CA . ASP C 1 91  ? -10.653 11.719  14.974  1.00 15.00 ? 91  ASP C CA 1 
ATOM 338 C CA . PHE C 1 92  ? -11.409 11.002  11.326  1.00 15.00 ? 92  PHE C CA 1 
ATOM 339 C CA . GLU C 1 93  ? -7.756  11.504  10.387  1.00 15.00 ? 93  GLU C CA 1 
ATOM 340 C CA . LYS C 1 94  ? -6.522  9.608   13.438  1.00 15.00 ? 94  LYS C CA 1 
ATOM 341 C CA . LEU C 1 95  ? -8.727  6.652   12.451  1.00 15.00 ? 95  LEU C CA 1 
ATOM 342 C CA . THR C 1 96  ? -8.203  6.869   8.699   1.00 15.00 ? 96  THR C CA 1 
ATOM 343 C CA . ASN C 1 97  ? -4.468  6.471   8.780   1.00 15.00 ? 97  ASN C CA 1 
ATOM 344 C CA . TYR C 1 98  ? -3.433  3.720   11.175  1.00 15.00 ? 98  TYR C CA 1 
ATOM 345 C CA . SER C 1 99  ? -1.180  1.005   9.885   1.00 15.00 ? 99  SER C CA 1 
ATOM 346 C CA . VAL C 1 100 ? -2.788  -2.276  9.282   1.00 15.00 ? 100 VAL C CA 1 
ATOM 347 C CA . THR C 1 101 ? 0.711   -3.676  9.008   1.00 15.00 ? 101 THR C CA 1 
ATOM 348 C CA . ASP C 1 102 ? 2.757   -2.087  11.887  1.00 15.00 ? 102 ASP C CA 1 
ATOM 349 C CA . LEU C 1 103 ? 2.394   -5.119  14.106  1.00 15.00 ? 103 LEU C CA 1 
ATOM 350 C CA . ASN C 1 104 ? 1.754   -3.026  17.335  1.00 15.00 ? 104 ASN C CA 1 
ATOM 351 C CA . VAL C 1 105 ? -1.527  -1.632  15.941  1.00 15.00 ? 105 VAL C CA 1 
ATOM 352 C CA . GLN C 1 106 ? -2.515  -5.074  14.462  1.00 15.00 ? 106 GLN C CA 1 
ATOM 353 C CA . ARG C 1 107 ? -2.161  -6.586  18.014  1.00 15.00 ? 107 ARG C CA 1 
ATOM 354 C CA . LYS C 1 108 ? -3.778  -3.557  19.502  1.00 15.00 ? 108 LYS C CA 1 
ATOM 355 C CA . ALA C 1 109 ? -6.761  -3.610  16.972  1.00 15.00 ? 109 ALA C CA 1 
ATOM 356 C CA . ILE C 1 110 ? -7.482  -7.193  17.769  1.00 15.00 ? 110 ILE C CA 1 
ATOM 357 C CA . HIS C 1 111 ? -7.356  -6.469  21.510  1.00 15.00 ? 111 HIS C CA 1 
ATOM 358 C CA . GLU C 1 112 ? -10.097 -3.807  21.134  1.00 15.00 ? 112 GLU C CA 1 
ATOM 359 C CA . LEU C 1 113 ? -12.236 -6.346  19.316  1.00 15.00 ? 113 LEU C CA 1 
ATOM 360 C CA . ILE C 1 114 ? -14.199 -7.820  22.243  1.00 15.00 ? 114 ILE C CA 1 
ATOM 361 C CA . GLN C 1 115 ? -15.194 -4.266  23.289  1.00 15.00 ? 115 GLN C CA 1 
ATOM 362 C CA . VAL C 1 116 ? -15.679 -2.735  19.760  1.00 15.00 ? 116 VAL C CA 1 
ATOM 363 C CA . MET C 1 117 ? -17.936 -5.541  18.538  1.00 15.00 ? 117 MET C CA 1 
ATOM 364 C CA . ALA C 1 118 ? -20.139 -5.449  21.646  1.00 15.00 ? 118 ALA C CA 1 
ATOM 365 C CA . GLU C 1 119 ? -20.152 -1.677  21.068  1.00 15.00 ? 119 GLU C CA 1 
ATOM 366 C CA . LEU C 1 120 ? -21.169 -1.706  17.311  1.00 15.00 ? 120 LEU C CA 1 
ATOM 367 C CA . SER C 1 121 ? -24.925 -2.497  17.938  1.00 15.00 ? 121 SER C CA 1 
ATOM 368 C CA . PRO C 1 122 ? -27.271 0.579   17.833  1.00 15.00 ? 122 PRO C CA 1 
ATOM 369 C CA . ALA C 1 123 ? -27.224 3.252   20.555  1.00 15.00 ? 123 ALA C CA 1 
ATOM 370 C CA . GLN D 1 1   ? -22.885 -13.077 22.483  1.00 15.00 ? 1   GLN D CA 1 
ATOM 371 C CA . ASP D 1 2   ? -20.965 -16.240 23.355  1.00 15.00 ? 2   ASP D CA 1 
ATOM 372 C CA . PRO D 1 3   ? -20.331 -18.064 20.755  1.00 15.00 ? 3   PRO D CA 1 
ATOM 373 C CA . TYR D 1 4   ? -18.383 -15.541 18.583  1.00 15.00 ? 4   TYR D CA 1 
ATOM 374 C CA . VAL D 1 5   ? -16.345 -14.246 21.602  1.00 15.00 ? 5   VAL D CA 1 
ATOM 375 C CA . LYS D 1 6   ? -14.831 -17.627 22.516  1.00 15.00 ? 6   LYS D CA 1 
ATOM 376 C CA . GLU D 1 7   ? -13.221 -16.790 18.993  1.00 15.00 ? 7   GLU D CA 1 
ATOM 377 C CA . ALA D 1 8   ? -12.251 -13.141 19.815  1.00 15.00 ? 8   ALA D CA 1 
ATOM 378 C CA . GLU D 1 9   ? -10.410 -14.641 22.804  1.00 15.00 ? 9   GLU D CA 1 
ATOM 379 C CA . ASN D 1 10  ? -8.797  -17.061 20.340  1.00 15.00 ? 10  ASN D CA 1 
ATOM 380 C CA . LEU D 1 11  ? -7.409  -14.172 18.424  1.00 15.00 ? 11  LEU D CA 1 
ATOM 381 C CA . LYS D 1 12  ? -6.773  -12.164 21.672  1.00 15.00 ? 12  LYS D CA 1 
ATOM 382 C CA . LYS D 1 13  ? -4.726  -14.937 23.487  1.00 15.00 ? 13  LYS D CA 1 
ATOM 383 C CA . TYR D 1 14  ? -2.855  -16.140 20.313  1.00 15.00 ? 14  TYR D CA 1 
ATOM 384 C CA . PHE D 1 15  ? -1.381  -12.807 18.990  1.00 15.00 ? 15  PHE D CA 1 
ATOM 385 C CA . ASN D 1 16  ? -0.756  -11.928 22.649  1.00 15.00 ? 16  ASN D CA 1 
ATOM 386 C CA . ALA D 1 17  ? -3.021  -9.143  23.437  1.00 15.00 ? 17  ALA D CA 1 
ATOM 387 C CA . GLY D 1 18  ? -2.596  -9.960  27.108  1.00 15.00 ? 18  GLY D CA 1 
ATOM 388 C CA . HIS D 1 19  ? -1.851  -6.345  27.770  1.00 15.00 ? 19  HIS D CA 1 
ATOM 389 C CA . SER D 1 20  ? -0.722  -3.399  25.856  1.00 15.00 ? 20  SER D CA 1 
ATOM 390 C CA . ASP D 1 21  ? 0.297   -0.570  28.198  1.00 15.00 ? 21  ASP D CA 1 
ATOM 391 C CA . VAL D 1 22  ? -1.413  2.689   29.146  1.00 15.00 ? 22  VAL D CA 1 
ATOM 392 C CA . ALA D 1 23  ? 0.793   5.733   27.937  1.00 15.00 ? 23  ALA D CA 1 
ATOM 393 C CA . ASP D 1 24  ? -1.204  6.048   24.704  1.00 15.00 ? 24  ASP D CA 1 
ATOM 394 C CA . ASN D 1 25  ? -2.834  2.740   24.187  1.00 15.00 ? 25  ASN D CA 1 
ATOM 395 C CA . GLY D 1 26  ? -6.510  2.261   24.413  1.00 15.00 ? 26  GLY D CA 1 
ATOM 396 C CA . THR D 1 27  ? -6.517  5.337   22.389  1.00 15.00 ? 27  THR D CA 1 
ATOM 397 C CA . LEU D 1 28  ? -6.713  3.351   19.149  1.00 15.00 ? 28  LEU D CA 1 
ATOM 398 C CA . PHE D 1 29  ? -10.524 2.872   18.408  1.00 15.00 ? 29  PHE D CA 1 
ATOM 399 C CA . LEU D 1 30  ? -12.231 2.513   21.740  1.00 15.00 ? 30  LEU D CA 1 
ATOM 400 C CA . GLY D 1 31  ? -11.125 5.844   23.010  1.00 15.00 ? 31  GLY D CA 1 
ATOM 401 C CA . ILE D 1 32  ? -12.473 7.402   19.815  1.00 15.00 ? 32  ILE D CA 1 
ATOM 402 C CA . LEU D 1 33  ? -15.881 5.636   20.070  1.00 15.00 ? 33  LEU D CA 1 
ATOM 403 C CA . LYS D 1 34  ? -16.274 6.679   23.732  1.00 15.00 ? 34  LYS D CA 1 
ATOM 404 C CA . ASN D 1 35  ? -15.802 10.217  22.517  1.00 15.00 ? 35  ASN D CA 1 
ATOM 405 C CA . TRP D 1 36  ? -19.341 10.235  20.951  1.00 15.00 ? 36  TRP D CA 1 
ATOM 406 C CA . LYS D 1 37  ? -22.944 9.252   21.188  1.00 15.00 ? 37  LYS D CA 1 
ATOM 407 C CA . GLU D 1 38  ? -25.092 10.614  18.215  1.00 15.00 ? 38  GLU D CA 1 
ATOM 408 C CA . GLU D 1 39  ? -25.963 7.775   15.719  1.00 15.00 ? 39  GLU D CA 1 
ATOM 409 C CA . SER D 1 40  ? -25.569 9.134   12.179  1.00 15.00 ? 40  SER D CA 1 
ATOM 410 C CA . ASP D 1 41  ? -22.560 10.829  13.634  1.00 15.00 ? 41  ASP D CA 1 
ATOM 411 C CA . ARG D 1 42  ? -21.171 7.669   15.472  1.00 15.00 ? 42  ARG D CA 1 
ATOM 412 C CA . LYS D 1 43  ? -21.525 5.700   12.239  1.00 15.00 ? 43  LYS D CA 1 
ATOM 413 C CA . ILE D 1 44  ? -19.023 7.993   10.540  1.00 15.00 ? 44  ILE D CA 1 
ATOM 414 C CA . MET D 1 45  ? -16.276 6.551   12.796  1.00 15.00 ? 45  MET D CA 1 
ATOM 415 C CA . GLN D 1 46  ? -17.599 2.947   12.813  1.00 15.00 ? 46  GLN D CA 1 
ATOM 416 C CA . SER D 1 47  ? -17.369 2.580   9.066   1.00 15.00 ? 47  SER D CA 1 
ATOM 417 C CA . GLN D 1 48  ? -13.652 3.169   9.610   1.00 15.00 ? 48  GLN D CA 1 
ATOM 418 C CA . ILE D 1 49  ? -13.356 0.675   12.453  1.00 15.00 ? 49  ILE D CA 1 
ATOM 419 C CA . VAL D 1 50  ? -15.050 -1.969  10.292  1.00 15.00 ? 50  VAL D CA 1 
ATOM 420 C CA . SER D 1 51  ? -12.992 -1.253  7.146   1.00 15.00 ? 51  SER D CA 1 
ATOM 421 C CA . PHE D 1 52  ? -9.853  -1.358  9.301   1.00 15.00 ? 52  PHE D CA 1 
ATOM 422 C CA . TYR D 1 53  ? -10.736 -4.831  10.616  1.00 15.00 ? 53  TYR D CA 1 
ATOM 423 C CA . PHE D 1 54  ? -11.632 -6.331  7.250   1.00 15.00 ? 54  PHE D CA 1 
ATOM 424 C CA . LYS D 1 55  ? -8.296  -4.889  5.654   1.00 15.00 ? 55  LYS D CA 1 
ATOM 425 C CA . LEU D 1 56  ? -6.570  -6.631  8.633   1.00 15.00 ? 56  LEU D CA 1 
ATOM 426 C CA . PHE D 1 57  ? -8.401  -10.003 8.424   1.00 15.00 ? 57  PHE D CA 1 
ATOM 427 C CA . LYS D 1 58  ? -7.580  -10.164 4.573   1.00 15.00 ? 58  LYS D CA 1 
ATOM 428 C CA . ASN D 1 59  ? -4.001  -10.739 5.653   1.00 15.00 ? 59  ASN D CA 1 
ATOM 429 C CA . PHE D 1 60  ? -4.937  -14.011 7.593   1.00 15.00 ? 60  PHE D CA 1 
ATOM 430 C CA . LYS D 1 61  ? -5.579  -16.176 4.555   1.00 15.00 ? 61  LYS D CA 1 
ATOM 431 C CA . ASP D 1 62  ? -3.541  -19.376 4.947   1.00 15.00 ? 62  ASP D CA 1 
ATOM 432 C CA . ASP D 1 63  ? -2.757  -19.244 8.714   1.00 15.00 ? 63  ASP D CA 1 
ATOM 433 C CA . GLN D 1 64  ? -4.982  -22.263 9.220   1.00 15.00 ? 64  GLN D CA 1 
ATOM 434 C CA . SER D 1 65  ? -5.624  -22.475 13.148  1.00 15.00 ? 65  SER D CA 1 
ATOM 435 C CA . ILE D 1 66  ? -6.761  -18.795 12.880  1.00 15.00 ? 66  ILE D CA 1 
ATOM 436 C CA . GLN D 1 67  ? -9.006  -19.099 9.844   1.00 15.00 ? 67  GLN D CA 1 
ATOM 437 C CA . LYS D 1 68  ? -12.003 -20.554 11.690  1.00 15.00 ? 68  LYS D CA 1 
ATOM 438 C CA . SER D 1 69  ? -11.689 -17.913 14.406  1.00 15.00 ? 69  SER D CA 1 
ATOM 439 C CA . VAL D 1 70  ? -11.483 -14.995 11.923  1.00 15.00 ? 70  VAL D CA 1 
ATOM 440 C CA . GLU D 1 71  ? -14.280 -16.158 9.597   1.00 15.00 ? 71  GLU D CA 1 
ATOM 441 C CA . THR D 1 72  ? -16.831 -16.147 12.434  1.00 15.00 ? 72  THR D CA 1 
ATOM 442 C CA . ILE D 1 73  ? -15.714 -12.658 13.584  1.00 15.00 ? 73  ILE D CA 1 
ATOM 443 C CA . LYS D 1 74  ? -16.131 -11.175 10.073  1.00 15.00 ? 74  LYS D CA 1 
ATOM 444 C CA . GLU D 1 75  ? -19.396 -13.150 10.081  1.00 15.00 ? 75  GLU D CA 1 
ATOM 445 C CA . ASP D 1 76  ? -20.548 -11.802 13.525  1.00 15.00 ? 76  ASP D CA 1 
ATOM 446 C CA . MET D 1 77  ? -19.621 -8.317  12.365  1.00 15.00 ? 77  MET D CA 1 
ATOM 447 C CA . ASN D 1 78  ? -21.935 -8.886  9.410   1.00 15.00 ? 78  ASN D CA 1 
ATOM 448 C CA . VAL D 1 79  ? -24.988 -9.684  11.548  1.00 15.00 ? 79  VAL D CA 1 
ATOM 449 C CA . LYS D 1 80  ? -24.576 -6.586  13.738  1.00 15.00 ? 80  LYS D CA 1 
ATOM 450 C CA . PHE D 1 81  ? -23.125 -3.860  11.519  1.00 15.00 ? 81  PHE D CA 1 
ATOM 451 C CA . PHE D 1 82  ? -24.802 -4.617  8.202   1.00 15.00 ? 82  PHE D CA 1 
ATOM 452 C CA . ASN D 1 83  ? -27.967 -5.657  9.983   1.00 15.00 ? 83  ASN D CA 1 
ATOM 453 C CA . SER D 1 84  ? -28.024 -9.036  8.671   1.00 15.00 ? 84  SER D CA 1 
ATOM 454 C CA . ASN D 1 85  ? -28.278 -8.377  4.931   1.00 15.00 ? 85  ASN D CA 1 
ATOM 455 C CA . LYS D 1 86  ? -26.850 -10.281 2.087   1.00 15.00 ? 86  LYS D CA 1 
ATOM 456 C CA . LYS D 1 87  ? -26.195 -7.472  -0.398  1.00 15.00 ? 87  LYS D CA 1 
ATOM 457 C CA . LYS D 1 88  ? -25.892 -4.490  1.895   1.00 15.00 ? 88  LYS D CA 1 
ATOM 458 C CA . ARG D 1 89  ? -22.219 -5.393  2.576   1.00 15.00 ? 89  ARG D CA 1 
ATOM 459 C CA . ASP D 1 90  ? -22.035 -5.504  -1.191  1.00 15.00 ? 90  ASP D CA 1 
ATOM 460 C CA . ASP D 1 91  ? -21.708 -1.730  -1.155  1.00 15.00 ? 91  ASP D CA 1 
ATOM 461 C CA . PHE D 1 92  ? -19.138 -1.555  1.689   1.00 15.00 ? 92  PHE D CA 1 
ATOM 462 C CA . GLU D 1 93  ? -16.798 -4.193  0.149   1.00 15.00 ? 93  GLU D CA 1 
ATOM 463 C CA . LYS D 1 94  ? -16.987 -2.270  -3.119  1.00 15.00 ? 94  LYS D CA 1 
ATOM 464 C CA . LEU D 1 95  ? -16.071 1.259   -1.762  1.00 15.00 ? 95  LEU D CA 1 
ATOM 465 C CA . THR D 1 96  ? -13.360 -0.415  0.415   1.00 15.00 ? 96  THR D CA 1 
ATOM 466 C CA . ASN D 1 97  ? -11.388 -1.521  -2.587  1.00 15.00 ? 97  ASN D CA 1 
ATOM 467 C CA . TYR D 1 98  ? -11.656 0.896   -5.259  1.00 15.00 ? 98  TYR D CA 1 
ATOM 468 C CA . SER D 1 99  ? -8.307  1.876   -6.680  1.00 15.00 ? 99  SER D CA 1 
ATOM 469 C CA . VAL D 1 100 ? -6.646  4.904   -5.099  1.00 15.00 ? 100 VAL D CA 1 
ATOM 470 C CA . THR D 1 101 ? -4.177  4.629   -7.952  1.00 15.00 ? 101 THR D CA 1 
ATOM 471 C CA . ASP D 1 102 ? -5.294  3.446   -11.367 1.00 15.00 ? 102 ASP D CA 1 
ATOM 472 C CA . LEU D 1 103 ? -5.694  6.280   -13.822 1.00 15.00 ? 103 LEU D CA 1 
ATOM 473 C CA . ASN D 1 104 ? -9.357  5.763   -14.531 1.00 15.00 ? 104 ASN D CA 1 
ATOM 474 C CA . VAL D 1 105 ? -10.881 5.451   -11.080 1.00 15.00 ? 105 VAL D CA 1 
ATOM 475 C CA . GLN D 1 106 ? -8.850  8.541   -10.268 1.00 15.00 ? 106 GLN D CA 1 
ATOM 476 C CA . ARG D 1 107 ? -10.469 10.411  -13.085 1.00 15.00 ? 107 ARG D CA 1 
ATOM 477 C CA . LYS D 1 108 ? -14.138 9.142   -12.690 1.00 15.00 ? 108 LYS D CA 1 
ATOM 478 C CA . ALA D 1 109 ? -13.800 9.931   -8.943  1.00 15.00 ? 109 ALA D CA 1 
ATOM 479 C CA . ILE D 1 110 ? -12.868 13.498  -10.075 1.00 15.00 ? 110 ILE D CA 1 
ATOM 480 C CA . HIS D 1 111 ? -15.602 13.539  -12.877 1.00 15.00 ? 111 HIS D CA 1 
ATOM 481 C CA . GLU D 1 112 ? -18.275 12.905  -10.279 1.00 15.00 ? 112 GLU D CA 1 
ATOM 482 C CA . LEU D 1 113 ? -16.651 14.999  -7.489  1.00 15.00 ? 113 LEU D CA 1 
ATOM 483 C CA . ILE D 1 114 ? -19.323 17.529  -8.411  1.00 15.00 ? 114 ILE D CA 1 
ATOM 484 C CA . GLN D 1 115 ? -22.290 15.730  -6.920  1.00 15.00 ? 115 GLN D CA 1 
ATOM 485 C CA . VAL D 1 116 ? -20.721 13.459  -4.235  1.00 15.00 ? 116 VAL D CA 1 
ATOM 486 C CA . MET D 1 117 ? -19.811 16.617  -2.229  1.00 15.00 ? 117 MET D CA 1 
ATOM 487 C CA . ALA D 1 118 ? -23.423 17.926  -2.760  1.00 15.00 ? 118 ALA D CA 1 
ATOM 488 C CA . GLU D 1 119 ? -24.695 14.540  -1.367  1.00 15.00 ? 119 GLU D CA 1 
ATOM 489 C CA . LEU D 1 120 ? -23.211 14.926  2.081   1.00 15.00 ? 120 LEU D CA 1 
ATOM 490 C CA . SER D 1 121 ? -26.719 15.235  3.891   1.00 15.00 ? 121 SER D CA 1 
ATOM 491 C CA . PRO D 1 122 ? -30.276 13.556  3.407   1.00 15.00 ? 122 PRO D CA 1 
ATOM 492 C CA . ALA D 1 123 ? -33.245 15.994  2.738   1.00 15.00 ? 123 ALA D CA 1 
# 
